data_4O8W
#
_entry.id   4O8W
#
_cell.length_a   59.748
_cell.length_b   98.450
_cell.length_c   127.485
_cell.angle_alpha   90.00
_cell.angle_beta   90.00
_cell.angle_gamma   90.00
#
_symmetry.space_group_name_H-M   'P 21 21 21'
#
loop_
_entity.id
_entity.type
_entity.pdbx_description
1 polymer 'Spore germination protein'
2 water water
#
_entity_poly.entity_id   1
_entity_poly.type   'polypeptide(L)'
_entity_poly.pdbx_seq_one_letter_code
;GSGRKQQLVIDQKAVKETLQQMLTSDQGKKFWESALKDPKFAESFAKGLQAEHEKMMRALMKDPDYQALMIDILKDPEME
KAMVDVLKSKEFRQHLQKVITETLNSPLYQAKIQDMLMKAAEKVQ
;
_entity_poly.pdbx_strand_id   A,B,C,D,E,F
#
# COMPACT_ATOMS: atom_id res chain seq x y z
N ALA A 14 32.10 55.75 -12.38
CA ALA A 14 32.27 56.25 -10.99
C ALA A 14 31.33 55.51 -10.04
N VAL A 15 30.03 55.65 -10.29
CA VAL A 15 29.00 55.01 -9.45
C VAL A 15 29.09 53.48 -9.50
N LYS A 16 29.58 52.95 -10.63
CA LYS A 16 29.81 51.51 -10.78
C LYS A 16 30.87 50.99 -9.79
N GLU A 17 31.81 51.87 -9.40
CA GLU A 17 32.85 51.52 -8.43
C GLU A 17 32.25 51.28 -7.04
N THR A 18 31.54 52.29 -6.52
CA THR A 18 31.00 52.26 -5.15
C THR A 18 30.04 51.08 -4.90
N LEU A 19 29.05 50.95 -5.77
CA LEU A 19 28.06 49.86 -5.67
C LEU A 19 28.66 48.48 -5.95
N GLN A 20 29.84 48.46 -6.58
CA GLN A 20 30.61 47.23 -6.75
C GLN A 20 31.10 46.68 -5.41
N GLN A 21 31.60 47.58 -4.55
CA GLN A 21 32.04 47.22 -3.20
C GLN A 21 30.93 47.52 -2.20
N MET A 22 29.72 47.06 -2.52
CA MET A 22 28.53 47.34 -1.71
C MET A 22 27.44 46.27 -1.87
N LEU A 23 27.36 45.63 -3.04
CA LEU A 23 26.33 44.64 -3.33
C LEU A 23 26.87 43.36 -4.03
N THR A 24 28.18 43.13 -3.98
CA THR A 24 28.82 42.11 -4.85
C THR A 24 29.56 40.98 -4.14
N SER A 25 30.22 41.27 -3.03
CA SER A 25 31.01 40.27 -2.29
C SER A 25 30.41 40.08 -0.91
N ASP A 26 31.26 39.89 0.10
CA ASP A 26 30.79 39.80 1.49
C ASP A 26 30.19 41.12 1.98
N GLN A 27 30.52 42.23 1.31
CA GLN A 27 29.87 43.51 1.53
C GLN A 27 28.37 43.38 1.24
N GLY A 28 28.02 43.20 -0.03
CA GLY A 28 26.65 42.86 -0.42
C GLY A 28 26.00 41.78 0.44
N LYS A 29 26.77 40.74 0.75
CA LYS A 29 26.32 39.67 1.63
C LYS A 29 25.93 40.21 3.02
N LYS A 30 26.69 41.20 3.52
CA LYS A 30 26.38 41.86 4.79
C LYS A 30 25.35 42.98 4.63
N PHE A 31 25.28 43.56 3.43
CA PHE A 31 24.27 44.57 3.10
C PHE A 31 22.85 44.01 3.07
N TRP A 32 22.66 42.89 2.37
CA TRP A 32 21.35 42.25 2.28
C TRP A 32 20.90 41.76 3.65
N GLU A 33 21.84 41.21 4.43
CA GLU A 33 21.56 40.76 5.81
C GLU A 33 20.90 41.86 6.64
N SER A 34 21.35 43.10 6.44
CA SER A 34 20.84 44.25 7.18
C SER A 34 19.54 44.77 6.58
N ALA A 35 19.49 44.93 5.26
CA ALA A 35 18.29 45.45 4.60
C ALA A 35 17.06 44.59 4.89
N LEU A 36 17.24 43.28 5.02
CA LEU A 36 16.12 42.35 5.20
C LEU A 36 15.66 42.26 6.66
N LYS A 37 16.37 42.95 7.57
CA LYS A 37 15.91 43.08 8.95
C LYS A 37 14.71 44.05 9.03
N ASP A 38 14.66 44.99 8.09
CA ASP A 38 13.51 45.87 7.87
C ASP A 38 12.39 45.10 7.14
N PRO A 39 11.30 44.78 7.84
CA PRO A 39 10.27 43.89 7.28
C PRO A 39 9.50 44.46 6.07
N LYS A 40 9.64 45.75 5.79
CA LYS A 40 9.01 46.37 4.64
C LYS A 40 9.85 46.09 3.38
N PHE A 41 11.16 46.26 3.51
CA PHE A 41 12.10 45.83 2.48
C PHE A 41 11.96 44.34 2.16
N ALA A 42 11.88 43.53 3.21
CA ALA A 42 11.73 42.08 3.09
C ALA A 42 10.42 41.74 2.41
N GLU A 43 9.37 42.46 2.75
CA GLU A 43 8.07 42.25 2.13
C GLU A 43 8.14 42.51 0.64
N SER A 44 8.82 43.59 0.26
CA SER A 44 8.99 43.92 -1.16
C SER A 44 9.87 42.91 -1.89
N PHE A 45 10.95 42.47 -1.24
CA PHE A 45 11.78 41.39 -1.74
C PHE A 45 10.94 40.12 -1.96
N ALA A 46 10.19 39.71 -0.95
CA ALA A 46 9.31 38.53 -1.06
C ALA A 46 8.29 38.63 -2.17
N LYS A 47 7.72 39.83 -2.34
CA LYS A 47 6.71 40.07 -3.38
C LYS A 47 7.18 39.80 -4.82
N GLY A 48 8.42 40.16 -5.13
CA GLY A 48 8.98 39.88 -6.45
C GLY A 48 9.28 38.41 -6.69
N LEU A 49 9.52 37.67 -5.60
CA LEU A 49 9.84 36.25 -5.65
C LEU A 49 8.62 35.34 -5.55
N GLN A 50 7.51 35.85 -5.02
CA GLN A 50 6.34 35.02 -4.65
C GLN A 50 5.87 34.02 -5.71
N ALA A 51 5.63 34.51 -6.91
CA ALA A 51 5.02 33.67 -7.92
C ALA A 51 5.97 32.52 -8.19
N GLU A 52 7.25 32.82 -8.32
CA GLU A 52 8.21 31.79 -8.63
C GLU A 52 8.45 30.88 -7.42
N HIS A 53 8.35 31.41 -6.20
CA HIS A 53 8.49 30.57 -5.01
C HIS A 53 7.33 29.57 -4.90
N GLU A 54 6.10 30.03 -5.15
N GLU A 54 6.10 30.05 -5.14
CA GLU A 54 4.95 29.14 -5.13
CA GLU A 54 4.90 29.19 -5.19
C GLU A 54 5.11 28.02 -6.16
C GLU A 54 5.12 28.02 -6.16
N LYS A 55 5.46 28.37 -7.40
CA LYS A 55 5.64 27.38 -8.48
C LYS A 55 6.67 26.32 -8.09
N MET A 56 7.76 26.75 -7.47
CA MET A 56 8.76 25.82 -7.04
C MET A 56 8.27 24.91 -5.92
N MET A 57 7.49 25.44 -4.96
CA MET A 57 7.02 24.63 -3.85
C MET A 57 6.02 23.57 -4.35
N ARG A 58 5.22 23.88 -5.37
CA ARG A 58 4.34 22.88 -5.98
C ARG A 58 5.15 21.83 -6.72
N ALA A 59 6.08 22.30 -7.56
CA ALA A 59 6.93 21.41 -8.33
C ALA A 59 7.72 20.42 -7.44
N LEU A 60 8.31 20.91 -6.35
CA LEU A 60 9.05 20.03 -5.44
C LEU A 60 8.23 18.89 -4.80
N MET A 61 6.91 19.03 -4.70
CA MET A 61 6.03 17.94 -4.20
C MET A 61 6.13 16.65 -5.01
N LYS A 62 6.55 16.77 -6.26
CA LYS A 62 6.77 15.63 -7.14
C LYS A 62 8.25 15.15 -7.18
N ASP A 63 9.16 15.81 -6.46
CA ASP A 63 10.58 15.41 -6.52
C ASP A 63 10.89 14.46 -5.36
N PRO A 64 11.55 13.32 -5.64
CA PRO A 64 11.78 12.33 -4.57
C PRO A 64 12.65 12.80 -3.40
N ASP A 65 13.64 13.65 -3.62
CA ASP A 65 14.45 14.15 -2.50
C ASP A 65 13.64 15.07 -1.60
N TYR A 66 12.82 15.94 -2.18
CA TYR A 66 11.89 16.76 -1.37
C TYR A 66 10.83 15.90 -0.69
N GLN A 67 10.32 14.89 -1.37
CA GLN A 67 9.36 13.98 -0.76
C GLN A 67 9.96 13.33 0.48
N ALA A 68 11.27 13.06 0.47
CA ALA A 68 11.93 12.48 1.64
C ALA A 68 12.01 13.48 2.81
N LEU A 69 12.25 14.75 2.51
CA LEU A 69 12.08 15.80 3.52
C LEU A 69 10.62 15.89 4.05
N MET A 70 9.62 15.96 3.16
CA MET A 70 8.26 16.05 3.66
C MET A 70 7.93 14.80 4.53
N ILE A 71 8.40 13.62 4.12
CA ILE A 71 8.06 12.39 4.83
C ILE A 71 8.64 12.49 6.24
N ASP A 72 9.88 12.92 6.35
CA ASP A 72 10.42 13.25 7.64
C ASP A 72 9.54 14.23 8.47
N ILE A 73 9.12 15.33 7.85
CA ILE A 73 8.29 16.33 8.54
C ILE A 73 6.98 15.71 9.00
N LEU A 74 6.36 14.91 8.15
CA LEU A 74 5.09 14.29 8.47
C LEU A 74 5.09 13.24 9.59
N LYS A 75 6.28 12.81 10.04
CA LYS A 75 6.39 11.86 11.16
C LYS A 75 6.61 12.62 12.47
N ASP A 76 6.49 13.94 12.41
CA ASP A 76 6.51 14.81 13.59
C ASP A 76 5.43 14.37 14.61
N PRO A 77 5.69 14.53 15.92
CA PRO A 77 4.67 14.17 16.92
C PRO A 77 3.29 14.84 16.73
N GLU A 78 3.27 16.05 16.15
CA GLU A 78 2.03 16.78 15.97
C GLU A 78 1.17 16.11 14.90
N MET A 79 1.81 15.60 13.85
CA MET A 79 1.10 14.88 12.78
C MET A 79 0.68 13.48 13.21
N GLU A 80 1.52 12.81 13.97
CA GLU A 80 1.13 11.55 14.58
C GLU A 80 -0.10 11.71 15.49
N LYS A 81 -0.12 12.78 16.30
CA LYS A 81 -1.29 13.06 17.14
C LYS A 81 -2.54 13.31 16.29
N ALA A 82 -2.41 14.11 15.23
CA ALA A 82 -3.55 14.34 14.34
C ALA A 82 -4.03 13.04 13.68
N MET A 83 -3.09 12.20 13.26
CA MET A 83 -3.46 10.90 12.72
C MET A 83 -4.17 10.05 13.75
N VAL A 84 -3.67 10.01 14.98
CA VAL A 84 -4.29 9.19 16.03
C VAL A 84 -5.69 9.66 16.38
N ASP A 85 -5.91 10.98 16.37
CA ASP A 85 -7.24 11.53 16.59
C ASP A 85 -8.23 11.10 15.49
N VAL A 86 -7.83 11.15 14.23
CA VAL A 86 -8.71 10.66 13.16
C VAL A 86 -9.07 9.17 13.35
N LEU A 87 -8.07 8.38 13.66
CA LEU A 87 -8.23 6.93 13.90
C LEU A 87 -9.17 6.63 15.07
N LYS A 88 -9.06 7.42 16.13
CA LYS A 88 -9.90 7.26 17.33
C LYS A 88 -11.26 7.94 17.19
N SER A 89 -11.53 8.59 16.07
CA SER A 89 -12.79 9.32 15.90
C SER A 89 -13.94 8.36 15.76
N LYS A 90 -15.12 8.85 16.12
CA LYS A 90 -16.35 8.09 16.00
C LYS A 90 -16.59 7.68 14.56
N GLU A 91 -16.28 8.59 13.64
CA GLU A 91 -16.48 8.33 12.20
C GLU A 91 -15.60 7.18 11.71
N PHE A 92 -14.43 7.01 12.32
CA PHE A 92 -13.51 5.96 11.90
C PHE A 92 -13.72 4.67 12.69
N ARG A 93 -14.51 4.73 13.75
CA ARG A 93 -14.77 3.55 14.57
C ARG A 93 -15.42 2.43 13.79
N GLN A 94 -16.33 2.75 12.87
CA GLN A 94 -16.98 1.72 12.05
C GLN A 94 -15.97 0.86 11.29
N HIS A 95 -14.87 1.47 10.87
CA HIS A 95 -13.87 0.75 10.08
C HIS A 95 -13.07 -0.21 10.95
N LEU A 96 -12.77 0.23 12.16
CA LEU A 96 -12.11 -0.63 13.12
C LEU A 96 -13.02 -1.81 13.50
N GLN A 97 -14.31 -1.54 13.73
CA GLN A 97 -15.25 -2.61 14.08
C GLN A 97 -15.29 -3.64 12.98
N LYS A 98 -15.31 -3.17 11.73
CA LYS A 98 -15.42 -4.11 10.62
C LYS A 98 -14.27 -5.13 10.61
N VAL A 99 -13.02 -4.68 10.77
CA VAL A 99 -11.93 -5.65 10.76
C VAL A 99 -11.91 -6.50 12.03
N ILE A 100 -12.39 -5.98 13.15
CA ILE A 100 -12.48 -6.78 14.36
C ILE A 100 -13.51 -7.92 14.15
N THR A 101 -14.64 -7.59 13.52
CA THR A 101 -15.70 -8.54 13.23
C THR A 101 -15.18 -9.66 12.30
N GLU A 102 -14.51 -9.25 11.23
CA GLU A 102 -13.91 -10.21 10.30
C GLU A 102 -12.87 -11.13 10.99
N THR A 103 -12.04 -10.56 11.87
CA THR A 103 -11.05 -11.36 12.62
C THR A 103 -11.74 -12.41 13.48
N LEU A 104 -12.74 -11.98 14.27
CA LEU A 104 -13.51 -12.91 15.09
C LEU A 104 -14.28 -13.95 14.26
N ASN A 105 -14.72 -13.58 13.06
CA ASN A 105 -15.55 -14.50 12.25
C ASN A 105 -14.80 -15.54 11.39
N SER A 106 -13.47 -15.44 11.34
CA SER A 106 -12.63 -16.44 10.71
C SER A 106 -12.84 -17.78 11.38
N PRO A 107 -13.04 -18.84 10.59
CA PRO A 107 -13.20 -20.14 11.21
C PRO A 107 -11.90 -20.62 11.85
N LEU A 108 -10.76 -20.27 11.25
CA LEU A 108 -9.48 -20.60 11.86
C LEU A 108 -9.34 -19.94 13.23
N TYR A 109 -9.68 -18.65 13.33
CA TYR A 109 -9.59 -17.98 14.62
C TYR A 109 -10.60 -18.51 15.63
N GLN A 110 -11.82 -18.76 15.17
CA GLN A 110 -12.85 -19.34 16.04
C GLN A 110 -12.43 -20.70 16.59
N ALA A 111 -11.62 -21.45 15.83
CA ALA A 111 -11.11 -22.74 16.33
C ALA A 111 -10.18 -22.51 17.54
N LYS A 112 -9.32 -21.50 17.46
CA LYS A 112 -8.46 -21.10 18.57
C LYS A 112 -9.24 -20.62 19.77
N ILE A 113 -10.28 -19.83 19.56
CA ILE A 113 -11.19 -19.44 20.68
C ILE A 113 -11.81 -20.69 21.30
N GLN A 114 -12.26 -21.62 20.45
CA GLN A 114 -12.83 -22.88 20.94
C GLN A 114 -11.82 -23.66 21.79
N ASP A 115 -10.56 -23.73 21.34
CA ASP A 115 -9.50 -24.40 22.11
C ASP A 115 -9.38 -23.83 23.52
N MET A 116 -9.35 -22.49 23.60
CA MET A 116 -9.30 -21.79 24.87
C MET A 116 -10.56 -22.08 25.70
N LEU A 117 -11.75 -22.05 25.09
CA LEU A 117 -12.98 -22.37 25.85
C LEU A 117 -13.02 -23.82 26.34
N MET A 118 -12.40 -24.74 25.61
CA MET A 118 -12.31 -26.13 26.03
C MET A 118 -11.39 -26.20 27.25
N LYS A 119 -10.24 -25.52 27.20
CA LYS A 119 -9.32 -25.46 28.32
C LYS A 119 -9.90 -24.82 29.60
N ALA A 120 -10.75 -23.81 29.43
CA ALA A 120 -11.44 -23.22 30.57
C ALA A 120 -12.49 -24.19 31.16
N ALA A 121 -13.24 -24.89 30.29
CA ALA A 121 -14.24 -25.85 30.76
C ALA A 121 -13.60 -27.11 31.36
N GLU A 122 -12.41 -27.44 30.88
CA GLU A 122 -11.62 -28.57 31.37
C GLU A 122 -11.32 -28.44 32.86
N LYS A 123 -10.82 -27.27 33.26
CA LYS A 123 -10.52 -26.98 34.66
C LYS A 123 -11.80 -26.83 35.49
N LEU B 8 20.29 66.39 -8.50
CA LEU B 8 20.67 64.96 -8.39
C LEU B 8 20.18 64.14 -9.58
N VAL B 9 19.58 64.80 -10.58
CA VAL B 9 18.91 64.11 -11.70
C VAL B 9 19.84 63.18 -12.49
N ILE B 10 21.06 63.65 -12.75
CA ILE B 10 22.07 62.90 -13.51
C ILE B 10 22.59 61.67 -12.74
N ASP B 11 22.55 61.75 -11.40
CA ASP B 11 23.05 60.67 -10.54
C ASP B 11 21.93 59.76 -9.99
N GLN B 12 20.68 60.20 -10.06
CA GLN B 12 19.54 59.29 -9.85
C GLN B 12 19.50 58.26 -11.01
N LYS B 13 19.85 58.73 -12.21
CA LYS B 13 19.87 57.92 -13.43
C LYS B 13 20.98 56.85 -13.38
N ALA B 14 22.17 57.27 -12.97
CA ALA B 14 23.33 56.39 -12.83
C ALA B 14 23.11 55.25 -11.84
N VAL B 15 22.50 55.55 -10.70
CA VAL B 15 22.24 54.55 -9.67
C VAL B 15 21.19 53.54 -10.13
N LYS B 16 20.02 54.02 -10.56
CA LYS B 16 18.96 53.12 -11.05
C LYS B 16 19.44 52.28 -12.24
N GLU B 17 20.18 52.88 -13.16
CA GLU B 17 20.70 52.13 -14.29
C GLU B 17 21.76 51.11 -13.86
N THR B 18 22.59 51.51 -12.91
CA THR B 18 23.60 50.62 -12.34
C THR B 18 22.92 49.40 -11.72
N LEU B 19 22.05 49.63 -10.74
CA LEU B 19 21.38 48.53 -10.04
C LEU B 19 20.37 47.73 -10.91
N GLN B 20 19.89 48.33 -12.01
CA GLN B 20 19.08 47.56 -12.98
C GLN B 20 19.95 46.59 -13.78
N GLN B 21 21.26 46.84 -13.81
CA GLN B 21 22.23 45.92 -14.39
C GLN B 21 22.81 44.99 -13.32
N MET B 22 23.28 45.57 -12.22
CA MET B 22 23.98 44.80 -11.18
C MET B 22 23.14 43.66 -10.61
N LEU B 23 22.03 44.00 -9.97
CA LEU B 23 21.21 43.01 -9.25
C LEU B 23 20.09 42.39 -10.09
N THR B 24 20.05 42.68 -11.39
CA THR B 24 18.96 42.23 -12.25
C THR B 24 19.43 41.57 -13.55
N SER B 25 20.73 41.30 -13.67
CA SER B 25 21.27 40.55 -14.81
C SER B 25 22.21 39.41 -14.33
N ASP B 26 23.02 38.86 -15.25
CA ASP B 26 24.02 37.85 -14.93
C ASP B 26 24.72 38.06 -13.60
N GLN B 27 25.16 39.30 -13.35
CA GLN B 27 25.86 39.63 -12.11
C GLN B 27 25.05 39.27 -10.86
N GLY B 28 23.82 39.78 -10.77
CA GLY B 28 22.93 39.51 -9.65
C GLY B 28 22.77 38.03 -9.39
N LYS B 29 22.49 37.27 -10.45
CA LYS B 29 22.25 35.82 -10.34
C LYS B 29 23.41 35.05 -9.67
N LYS B 30 24.63 35.35 -10.06
CA LYS B 30 25.81 34.66 -9.54
C LYS B 30 25.96 34.87 -8.02
N PHE B 31 25.74 36.11 -7.57
CA PHE B 31 25.82 36.44 -6.16
C PHE B 31 24.92 35.52 -5.34
N TRP B 32 23.64 35.49 -5.70
CA TRP B 32 22.64 34.72 -4.97
C TRP B 32 22.94 33.23 -4.96
N GLU B 33 23.51 32.71 -6.04
CA GLU B 33 23.75 31.27 -6.13
C GLU B 33 24.82 30.79 -5.16
N SER B 34 25.84 31.61 -4.91
CA SER B 34 26.91 31.28 -3.96
C SER B 34 26.41 31.53 -2.54
N ALA B 35 26.02 32.77 -2.25
CA ALA B 35 25.57 33.18 -0.91
C ALA B 35 24.61 32.19 -0.24
N LEU B 36 23.70 31.62 -1.02
CA LEU B 36 22.72 30.68 -0.45
C LEU B 36 23.32 29.30 -0.04
N LYS B 37 24.58 29.06 -0.37
CA LYS B 37 25.31 27.85 0.05
C LYS B 37 25.89 28.03 1.45
N ASP B 38 26.19 29.29 1.79
CA ASP B 38 26.53 29.70 3.14
C ASP B 38 25.33 29.54 4.09
N PRO B 39 25.34 28.49 4.93
CA PRO B 39 24.13 28.22 5.73
C PRO B 39 23.78 29.30 6.78
N LYS B 40 24.68 30.25 7.05
CA LYS B 40 24.37 31.36 7.95
C LYS B 40 23.69 32.53 7.23
N PHE B 41 24.11 32.86 6.01
CA PHE B 41 23.41 33.89 5.21
C PHE B 41 22.02 33.43 4.76
N ALA B 42 21.85 32.12 4.64
CA ALA B 42 20.59 31.53 4.22
C ALA B 42 19.59 31.60 5.35
N GLU B 43 20.11 31.41 6.58
CA GLU B 43 19.34 31.59 7.80
C GLU B 43 18.80 33.03 7.88
N SER B 44 19.67 34.00 7.58
CA SER B 44 19.32 35.41 7.67
C SER B 44 18.28 35.79 6.63
N PHE B 45 18.57 35.39 5.41
CA PHE B 45 17.66 35.50 4.30
C PHE B 45 16.27 34.84 4.57
N ALA B 46 16.26 33.58 4.98
CA ALA B 46 14.99 32.91 5.33
C ALA B 46 14.33 33.64 6.49
N LYS B 47 15.14 34.20 7.39
CA LYS B 47 14.61 34.88 8.55
C LYS B 47 13.82 36.11 8.11
N GLY B 48 14.40 36.90 7.22
CA GLY B 48 13.76 38.12 6.76
C GLY B 48 12.49 37.77 6.03
N LEU B 49 12.58 36.75 5.19
CA LEU B 49 11.44 36.25 4.41
C LEU B 49 10.49 35.30 5.15
N GLN B 50 10.68 35.08 6.43
CA GLN B 50 9.92 34.04 7.13
C GLN B 50 8.42 34.33 7.13
N ALA B 51 8.05 35.58 7.38
CA ALA B 51 6.63 35.99 7.39
C ALA B 51 5.95 35.61 6.08
N GLU B 52 6.54 35.98 4.95
CA GLU B 52 5.89 35.72 3.67
C GLU B 52 5.92 34.24 3.29
N HIS B 53 6.99 33.53 3.64
CA HIS B 53 7.02 32.08 3.46
C HIS B 53 5.91 31.35 4.23
N GLU B 54 5.68 31.75 5.48
CA GLU B 54 4.56 31.23 6.27
C GLU B 54 3.21 31.47 5.59
N LYS B 55 3.01 32.69 5.07
CA LYS B 55 1.80 33.00 4.30
C LYS B 55 1.67 32.07 3.11
N MET B 56 2.76 31.85 2.39
CA MET B 56 2.72 30.97 1.23
C MET B 56 2.33 29.54 1.60
N MET B 57 3.00 28.97 2.60
CA MET B 57 2.75 27.58 2.99
C MET B 57 1.34 27.39 3.55
N ARG B 58 0.85 28.35 4.33
CA ARG B 58 -0.55 28.28 4.80
C ARG B 58 -1.52 28.30 3.63
N ALA B 59 -1.30 29.21 2.67
CA ALA B 59 -2.17 29.34 1.50
C ALA B 59 -2.15 28.06 0.66
N LEU B 60 -0.99 27.44 0.53
CA LEU B 60 -0.89 26.22 -0.28
C LEU B 60 -1.65 25.08 0.38
N MET B 61 -1.67 25.05 1.71
CA MET B 61 -2.39 23.99 2.39
C MET B 61 -3.89 24.08 2.25
N LYS B 62 -4.40 25.26 1.86
CA LYS B 62 -5.81 25.45 1.52
C LYS B 62 -6.13 25.19 0.04
N ASP B 63 -5.11 24.95 -0.77
CA ASP B 63 -5.26 24.85 -2.23
C ASP B 63 -5.50 23.37 -2.56
N PRO B 64 -6.60 23.06 -3.27
CA PRO B 64 -6.95 21.67 -3.52
C PRO B 64 -5.95 20.93 -4.40
N ASP B 65 -5.28 21.64 -5.30
CA ASP B 65 -4.24 21.03 -6.11
C ASP B 65 -3.06 20.64 -5.24
N TYR B 66 -2.65 21.54 -4.37
CA TYR B 66 -1.55 21.28 -3.45
C TYR B 66 -1.90 20.18 -2.46
N GLN B 67 -3.10 20.23 -1.91
CA GLN B 67 -3.64 19.19 -1.01
C GLN B 67 -3.56 17.83 -1.64
N ALA B 68 -3.89 17.73 -2.92
CA ALA B 68 -3.86 16.46 -3.63
C ALA B 68 -2.43 15.93 -3.71
N LEU B 69 -1.45 16.83 -3.80
CA LEU B 69 -0.05 16.42 -3.88
C LEU B 69 0.40 15.95 -2.52
N MET B 70 -0.11 16.59 -1.47
CA MET B 70 0.21 16.21 -0.10
C MET B 70 -0.37 14.84 0.23
N ILE B 71 -1.57 14.57 -0.28
CA ILE B 71 -2.22 13.28 -0.09
C ILE B 71 -1.38 12.18 -0.72
N ASP B 72 -0.81 12.43 -1.90
CA ASP B 72 0.05 11.44 -2.57
C ASP B 72 1.25 11.09 -1.69
N ILE B 73 1.88 12.09 -1.06
CA ILE B 73 3.00 11.85 -0.16
C ILE B 73 2.55 11.14 1.10
N LEU B 74 1.34 11.44 1.58
CA LEU B 74 0.79 10.74 2.77
C LEU B 74 0.46 9.28 2.47
N LYS B 75 0.28 8.97 1.19
CA LYS B 75 0.04 7.61 0.74
C LYS B 75 1.31 6.85 0.36
N ASP B 76 2.48 7.48 0.49
CA ASP B 76 3.74 6.78 0.22
C ASP B 76 3.87 5.53 1.12
N PRO B 77 4.46 4.45 0.60
CA PRO B 77 4.73 3.30 1.50
C PRO B 77 5.46 3.65 2.79
N GLU B 78 6.28 4.70 2.82
CA GLU B 78 6.91 5.09 4.06
C GLU B 78 5.89 5.58 5.06
N MET B 79 4.90 6.34 4.61
CA MET B 79 3.85 6.86 5.50
C MET B 79 2.87 5.75 5.89
N GLU B 80 2.68 4.78 5.01
CA GLU B 80 1.87 3.59 5.36
C GLU B 80 2.55 2.81 6.49
N LYS B 81 3.86 2.69 6.42
CA LYS B 81 4.61 2.02 7.44
C LYS B 81 4.44 2.80 8.75
N ALA B 82 4.56 4.13 8.68
CA ALA B 82 4.39 4.99 9.89
C ALA B 82 3.00 4.78 10.51
N MET B 83 1.97 4.78 9.70
CA MET B 83 0.62 4.56 10.20
C MET B 83 0.44 3.17 10.83
N VAL B 84 0.99 2.16 10.17
CA VAL B 84 0.99 0.80 10.71
C VAL B 84 1.60 0.73 12.09
N ASP B 85 2.73 1.41 12.28
CA ASP B 85 3.34 1.48 13.59
C ASP B 85 2.48 2.18 14.65
N VAL B 86 1.80 3.23 14.22
CA VAL B 86 0.90 3.93 15.11
C VAL B 86 -0.23 3.00 15.55
N LEU B 87 -0.82 2.28 14.60
CA LEU B 87 -1.89 1.34 14.90
C LEU B 87 -1.46 0.23 15.85
N LYS B 88 -0.20 -0.16 15.78
CA LYS B 88 0.31 -1.25 16.59
C LYS B 88 0.95 -0.74 17.87
N SER B 89 0.93 0.57 18.11
CA SER B 89 1.66 1.11 19.28
C SER B 89 0.93 0.81 20.58
N LYS B 90 1.70 0.82 21.68
CA LYS B 90 1.12 0.62 23.00
C LYS B 90 0.13 1.75 23.32
N GLU B 91 0.38 2.95 22.81
CA GLU B 91 -0.57 4.07 22.93
C GLU B 91 -1.94 3.70 22.37
N PHE B 92 -2.01 3.44 21.07
CA PHE B 92 -3.26 3.15 20.40
C PHE B 92 -3.91 1.85 20.90
N ARG B 93 -3.13 0.99 21.56
CA ARG B 93 -3.58 -0.32 22.00
C ARG B 93 -4.80 -0.24 22.91
N GLN B 94 -4.84 0.80 23.73
CA GLN B 94 -5.89 0.97 24.73
C GLN B 94 -7.22 1.28 24.04
N HIS B 95 -7.18 2.06 22.95
CA HIS B 95 -8.40 2.33 22.20
C HIS B 95 -8.89 1.05 21.49
N LEU B 96 -7.95 0.32 20.91
CA LEU B 96 -8.24 -0.92 20.22
C LEU B 96 -8.89 -1.89 21.20
N GLN B 97 -8.32 -1.96 22.41
CA GLN B 97 -8.89 -2.78 23.49
C GLN B 97 -10.32 -2.39 23.85
N LYS B 98 -10.61 -1.08 23.87
CA LYS B 98 -11.98 -0.63 24.16
C LYS B 98 -12.96 -1.07 23.08
N VAL B 99 -12.55 -1.01 21.82
CA VAL B 99 -13.44 -1.38 20.72
C VAL B 99 -13.67 -2.91 20.74
N ILE B 100 -12.59 -3.65 20.98
CA ILE B 100 -12.64 -5.11 21.08
C ILE B 100 -13.50 -5.57 22.27
N THR B 101 -13.38 -4.86 23.39
CA THR B 101 -14.14 -5.16 24.61
C THR B 101 -15.63 -4.89 24.41
N GLU B 102 -15.96 -3.73 23.85
CA GLU B 102 -17.36 -3.41 23.57
C GLU B 102 -17.99 -4.40 22.57
N THR B 103 -17.19 -4.96 21.66
CA THR B 103 -17.71 -5.95 20.71
C THR B 103 -18.03 -7.26 21.42
N LEU B 104 -17.04 -7.81 22.14
CA LEU B 104 -17.19 -9.08 22.85
C LEU B 104 -18.29 -9.01 23.91
N ASN B 105 -18.48 -7.82 24.47
CA ASN B 105 -19.50 -7.60 25.50
C ASN B 105 -20.90 -7.39 24.92
N SER B 106 -21.01 -7.18 23.61
CA SER B 106 -22.33 -7.00 23.00
C SER B 106 -23.14 -8.29 23.14
N PRO B 107 -24.48 -8.17 23.21
CA PRO B 107 -25.33 -9.36 23.33
C PRO B 107 -25.13 -10.43 22.25
N LEU B 108 -24.90 -10.03 21.01
CA LEU B 108 -24.63 -10.96 19.91
C LEU B 108 -23.47 -11.88 20.24
N TYR B 109 -22.34 -11.28 20.61
CA TYR B 109 -21.09 -12.03 20.83
C TYR B 109 -21.10 -12.77 22.16
N GLN B 110 -21.75 -12.16 23.15
CA GLN B 110 -22.01 -12.83 24.41
C GLN B 110 -22.80 -14.10 24.17
N ALA B 111 -23.78 -14.05 23.26
CA ALA B 111 -24.58 -15.23 22.94
C ALA B 111 -23.74 -16.27 22.20
N LYS B 112 -22.98 -15.85 21.19
CA LYS B 112 -22.15 -16.79 20.44
C LYS B 112 -21.13 -17.46 21.35
N ILE B 113 -20.47 -16.67 22.19
CA ILE B 113 -19.48 -17.21 23.13
C ILE B 113 -20.14 -18.18 24.13
N GLN B 114 -21.28 -17.79 24.70
CA GLN B 114 -22.01 -18.68 25.62
C GLN B 114 -22.36 -19.99 24.93
N ASP B 115 -22.73 -19.91 23.65
CA ASP B 115 -23.08 -21.08 22.85
C ASP B 115 -21.85 -21.94 22.59
N MET B 116 -20.77 -21.32 22.13
CA MET B 116 -19.47 -22.00 21.95
C MET B 116 -19.02 -22.67 23.25
N LEU B 117 -19.21 -21.95 24.34
CA LEU B 117 -18.78 -22.41 25.66
C LEU B 117 -19.58 -23.61 26.17
N MET B 118 -20.88 -23.64 25.89
CA MET B 118 -21.69 -24.81 26.25
C MET B 118 -21.30 -26.02 25.40
N LYS B 119 -20.87 -25.81 24.16
CA LYS B 119 -20.35 -26.92 23.34
C LYS B 119 -19.08 -27.50 23.96
N ALA B 120 -18.11 -26.63 24.25
CA ALA B 120 -16.86 -27.06 24.89
C ALA B 120 -17.15 -27.83 26.19
N ALA B 121 -18.16 -27.38 26.94
CA ALA B 121 -18.58 -28.05 28.17
C ALA B 121 -19.36 -29.35 27.94
N GLU B 122 -20.13 -29.41 26.84
CA GLU B 122 -20.92 -30.61 26.50
C GLU B 122 -20.02 -31.74 26.00
N LYS B 123 -18.81 -31.40 25.56
CA LYS B 123 -17.81 -32.39 25.15
C LYS B 123 -16.82 -32.67 26.27
N VAL B 124 -16.33 -31.62 26.92
CA VAL B 124 -15.25 -31.74 27.92
C VAL B 124 -15.59 -32.74 29.04
N VAL C 9 25.80 59.46 -1.67
CA VAL C 9 24.56 58.64 -1.76
C VAL C 9 24.49 57.64 -0.60
N ILE C 10 23.74 58.00 0.44
CA ILE C 10 23.67 57.20 1.67
C ILE C 10 23.42 55.72 1.34
N ASP C 11 24.47 54.91 1.46
CA ASP C 11 24.42 53.48 1.15
C ASP C 11 23.13 52.84 1.63
N GLN C 12 22.72 53.20 2.84
CA GLN C 12 21.45 52.74 3.40
C GLN C 12 20.27 53.56 2.83
N LYS C 13 19.53 54.26 3.70
CA LYS C 13 18.23 54.87 3.35
C LYS C 13 17.96 55.03 1.85
N ALA C 14 18.69 55.93 1.22
CA ALA C 14 18.51 56.24 -0.21
C ALA C 14 18.42 55.00 -1.09
N VAL C 15 19.56 54.34 -1.29
CA VAL C 15 19.66 53.23 -2.25
C VAL C 15 18.75 52.06 -1.86
N LYS C 16 18.78 51.69 -0.59
CA LYS C 16 17.86 50.71 -0.03
C LYS C 16 16.44 50.99 -0.49
N GLU C 17 16.02 52.25 -0.40
CA GLU C 17 14.67 52.64 -0.83
C GLU C 17 14.50 52.53 -2.35
N THR C 18 15.55 52.80 -3.12
CA THR C 18 15.50 52.57 -4.56
C THR C 18 15.39 51.07 -4.89
N LEU C 19 16.36 50.26 -4.42
CA LEU C 19 16.31 48.80 -4.64
C LEU C 19 15.02 48.17 -4.14
N GLN C 20 14.43 48.74 -3.09
CA GLN C 20 13.16 48.26 -2.58
C GLN C 20 12.07 48.40 -3.63
N GLN C 21 12.05 49.56 -4.31
CA GLN C 21 11.09 49.82 -5.39
C GLN C 21 11.31 48.87 -6.57
N MET C 22 12.58 48.57 -6.86
CA MET C 22 12.92 47.67 -7.95
C MET C 22 12.63 46.19 -7.64
N LEU C 23 12.59 45.82 -6.36
CA LEU C 23 12.44 44.40 -5.98
C LEU C 23 11.01 43.87 -6.13
N THR C 24 10.01 44.76 -6.13
CA THR C 24 8.63 44.38 -6.39
C THR C 24 8.16 44.80 -7.80
N SER C 25 9.04 45.42 -8.59
CA SER C 25 8.70 45.77 -9.97
C SER C 25 8.56 44.54 -10.87
N ASP C 26 8.16 44.75 -12.12
CA ASP C 26 8.10 43.65 -13.08
C ASP C 26 9.50 43.13 -13.47
N GLN C 27 10.51 44.00 -13.49
CA GLN C 27 11.88 43.56 -13.79
C GLN C 27 12.49 42.74 -12.65
N GLY C 28 12.06 43.01 -11.42
CA GLY C 28 12.41 42.17 -10.27
C GLY C 28 11.84 40.77 -10.46
N LYS C 29 10.57 40.71 -10.82
CA LYS C 29 9.89 39.44 -11.09
C LYS C 29 10.52 38.71 -12.25
N LYS C 30 10.88 39.44 -13.30
CA LYS C 30 11.55 38.84 -14.45
C LYS C 30 12.94 38.33 -14.08
N PHE C 31 13.62 38.99 -13.14
CA PHE C 31 14.87 38.44 -12.63
C PHE C 31 14.67 37.04 -12.00
N TRP C 32 13.69 36.91 -11.11
CA TRP C 32 13.42 35.62 -10.46
C TRP C 32 12.90 34.58 -11.43
N GLU C 33 12.08 34.99 -12.38
CA GLU C 33 11.60 34.05 -13.39
C GLU C 33 12.78 33.44 -14.17
N SER C 34 13.69 34.28 -14.65
CA SER C 34 14.85 33.85 -15.41
C SER C 34 15.89 33.11 -14.57
N ALA C 35 16.17 33.59 -13.37
CA ALA C 35 17.11 32.91 -12.50
C ALA C 35 16.63 31.49 -12.17
N LEU C 36 15.36 31.33 -11.81
CA LEU C 36 14.86 30.05 -11.30
C LEU C 36 14.61 29.01 -12.37
N LYS C 37 14.81 29.38 -13.64
CA LYS C 37 14.78 28.44 -14.77
C LYS C 37 16.12 27.73 -14.94
N ASP C 38 17.20 28.36 -14.45
CA ASP C 38 18.52 27.73 -14.42
C ASP C 38 18.50 26.66 -13.33
N PRO C 39 18.57 25.36 -13.72
CA PRO C 39 18.44 24.31 -12.70
C PRO C 39 19.43 24.43 -11.53
N LYS C 40 20.68 24.81 -11.81
CA LYS C 40 21.66 24.99 -10.75
C LYS C 40 21.29 26.14 -9.81
N PHE C 41 20.78 27.23 -10.36
CA PHE C 41 20.26 28.29 -9.48
C PHE C 41 19.09 27.76 -8.62
N ALA C 42 18.15 27.03 -9.23
CA ALA C 42 17.03 26.47 -8.47
C ALA C 42 17.52 25.52 -7.38
N GLU C 43 18.45 24.66 -7.72
CA GLU C 43 19.01 23.74 -6.74
C GLU C 43 19.66 24.46 -5.56
N SER C 44 20.36 25.56 -5.82
CA SER C 44 21.07 26.22 -4.75
C SER C 44 20.10 26.97 -3.84
N PHE C 45 19.09 27.58 -4.47
CA PHE C 45 17.97 28.20 -3.76
C PHE C 45 17.24 27.18 -2.89
N ALA C 46 16.82 26.05 -3.47
CA ALA C 46 16.06 25.05 -2.71
C ALA C 46 16.86 24.40 -1.57
N LYS C 47 18.06 23.94 -1.89
CA LYS C 47 18.92 23.27 -0.89
C LYS C 47 19.42 24.26 0.15
N GLY C 48 19.66 25.50 -0.27
CA GLY C 48 20.09 26.55 0.64
C GLY C 48 19.07 26.86 1.73
N LEU C 49 17.81 26.97 1.30
CA LEU C 49 16.69 27.33 2.18
C LEU C 49 16.08 26.14 2.91
N GLN C 50 16.58 24.93 2.67
CA GLN C 50 15.95 23.70 3.14
C GLN C 50 15.77 23.61 4.67
N ALA C 51 16.87 23.86 5.39
CA ALA C 51 16.87 23.80 6.86
C ALA C 51 15.73 24.64 7.46
N GLU C 52 15.60 25.87 7.00
CA GLU C 52 14.62 26.80 7.55
C GLU C 52 13.22 26.50 7.07
N HIS C 53 13.11 26.00 5.84
CA HIS C 53 11.82 25.52 5.34
C HIS C 53 11.27 24.39 6.24
N GLU C 54 12.10 23.39 6.53
CA GLU C 54 11.70 22.31 7.46
C GLU C 54 11.21 22.86 8.81
N LYS C 55 12.03 23.67 9.47
CA LYS C 55 11.63 24.39 10.68
C LYS C 55 10.27 25.10 10.55
N MET C 56 10.02 25.73 9.41
CA MET C 56 8.74 26.39 9.20
C MET C 56 7.61 25.35 9.19
N MET C 57 7.80 24.25 8.48
CA MET C 57 6.74 23.25 8.34
C MET C 57 6.47 22.55 9.68
N ARG C 58 7.52 22.24 10.46
CA ARG C 58 7.29 21.63 11.77
C ARG C 58 6.60 22.62 12.72
N ALA C 59 7.10 23.85 12.77
CA ALA C 59 6.49 24.88 13.62
C ALA C 59 5.00 25.10 13.30
N LEU C 60 4.65 25.18 12.02
CA LEU C 60 3.26 25.42 11.60
C LEU C 60 2.31 24.35 12.11
N MET C 61 2.81 23.12 12.23
CA MET C 61 2.02 22.02 12.78
C MET C 61 1.61 22.21 14.25
N LYS C 62 2.24 23.13 14.96
CA LYS C 62 1.86 23.44 16.33
C LYS C 62 0.72 24.47 16.45
N ASP C 63 0.26 25.00 15.32
CA ASP C 63 -0.79 26.01 15.28
C ASP C 63 -2.17 25.39 15.00
N PRO C 64 -3.11 25.50 15.95
CA PRO C 64 -4.48 25.01 15.74
C PRO C 64 -5.16 25.35 14.40
N ASP C 65 -4.90 26.52 13.84
CA ASP C 65 -5.48 26.91 12.52
C ASP C 65 -4.98 26.03 11.42
N TYR C 66 -3.71 25.64 11.55
CA TYR C 66 -3.01 24.88 10.53
C TYR C 66 -3.26 23.39 10.74
N GLN C 67 -3.37 22.99 12.00
CA GLN C 67 -3.78 21.64 12.35
C GLN C 67 -5.15 21.32 11.74
N ALA C 68 -6.05 22.28 11.72
CA ALA C 68 -7.36 22.10 11.10
C ALA C 68 -7.25 21.75 9.60
N LEU C 69 -6.28 22.35 8.92
CA LEU C 69 -6.01 22.05 7.50
C LEU C 69 -5.42 20.66 7.29
N MET C 70 -4.52 20.23 8.16
N MET C 70 -4.50 20.25 8.16
CA MET C 70 -3.97 18.91 8.02
CA MET C 70 -3.92 18.91 8.06
C MET C 70 -5.00 17.84 8.38
C MET C 70 -4.95 17.83 8.42
N ILE C 71 -5.83 18.14 9.36
CA ILE C 71 -6.97 17.31 9.68
C ILE C 71 -7.95 17.22 8.51
N ASP C 72 -8.26 18.34 7.86
CA ASP C 72 -9.11 18.31 6.64
C ASP C 72 -8.51 17.40 5.58
N ILE C 73 -7.19 17.43 5.46
CA ILE C 73 -6.52 16.62 4.47
C ILE C 73 -6.63 15.12 4.81
N LEU C 74 -6.47 14.78 6.08
CA LEU C 74 -6.50 13.41 6.55
C LEU C 74 -7.91 12.79 6.49
N LYS C 75 -8.94 13.64 6.50
CA LYS C 75 -10.32 13.20 6.39
C LYS C 75 -10.81 13.21 4.98
N ASP C 76 -9.98 13.66 4.04
CA ASP C 76 -10.33 13.57 2.62
C ASP C 76 -10.66 12.09 2.27
N PRO C 77 -11.71 11.87 1.43
CA PRO C 77 -12.12 10.52 1.06
C PRO C 77 -10.95 9.62 0.59
N GLU C 78 -10.06 10.18 -0.22
CA GLU C 78 -8.88 9.45 -0.65
C GLU C 78 -7.97 9.02 0.53
N MET C 79 -7.79 9.89 1.52
CA MET C 79 -7.03 9.52 2.72
C MET C 79 -7.80 8.52 3.57
N GLU C 80 -9.11 8.67 3.64
CA GLU C 80 -9.92 7.72 4.38
C GLU C 80 -9.75 6.31 3.81
N LYS C 81 -9.78 6.23 2.49
CA LYS C 81 -9.64 4.97 1.78
C LYS C 81 -8.25 4.38 2.02
N ALA C 82 -7.21 5.19 1.95
CA ALA C 82 -5.86 4.71 2.22
C ALA C 82 -5.77 4.20 3.64
N MET C 83 -6.40 4.88 4.58
CA MET C 83 -6.29 4.48 5.98
C MET C 83 -7.02 3.15 6.22
N VAL C 84 -8.16 3.01 5.57
CA VAL C 84 -8.93 1.78 5.68
C VAL C 84 -8.17 0.59 5.06
N ASP C 85 -7.51 0.82 3.94
CA ASP C 85 -6.74 -0.22 3.29
C ASP C 85 -5.60 -0.73 4.17
N VAL C 86 -5.02 0.15 4.97
CA VAL C 86 -4.03 -0.25 5.93
C VAL C 86 -4.63 -1.15 7.02
N LEU C 87 -5.85 -0.85 7.46
CA LEU C 87 -6.52 -1.70 8.45
C LEU C 87 -6.68 -3.13 7.96
N LYS C 88 -6.79 -3.28 6.65
CA LYS C 88 -7.07 -4.56 6.05
C LYS C 88 -5.82 -5.38 5.79
N SER C 89 -4.63 -4.80 5.99
CA SER C 89 -3.36 -5.48 5.73
C SER C 89 -3.23 -6.71 6.57
N LYS C 90 -2.52 -7.72 6.06
CA LYS C 90 -2.26 -8.92 6.83
C LYS C 90 -1.59 -8.57 8.15
N GLU C 91 -0.67 -7.64 8.09
CA GLU C 91 0.09 -7.31 9.28
C GLU C 91 -0.82 -6.78 10.36
N PHE C 92 -1.73 -5.88 10.00
CA PHE C 92 -2.62 -5.35 11.02
C PHE C 92 -3.63 -6.39 11.49
N ARG C 93 -4.10 -7.22 10.58
CA ARG C 93 -4.98 -8.31 10.96
C ARG C 93 -4.26 -9.23 11.98
N GLN C 94 -2.96 -9.49 11.81
CA GLN C 94 -2.25 -10.34 12.77
C GLN C 94 -2.09 -9.68 14.14
N HIS C 95 -1.78 -8.38 14.16
CA HIS C 95 -1.74 -7.62 15.41
C HIS C 95 -3.09 -7.73 16.08
N LEU C 96 -4.13 -7.54 15.30
CA LEU C 96 -5.48 -7.51 15.83
C LEU C 96 -5.87 -8.86 16.44
N GLN C 97 -5.49 -9.97 15.80
CA GLN C 97 -5.70 -11.28 16.41
C GLN C 97 -4.98 -11.37 17.78
N LYS C 98 -3.75 -10.87 17.84
CA LYS C 98 -2.98 -10.94 19.07
C LYS C 98 -3.65 -10.16 20.21
N VAL C 99 -4.14 -8.95 19.92
CA VAL C 99 -4.81 -8.15 20.92
C VAL C 99 -6.10 -8.80 21.40
N ILE C 100 -6.82 -9.44 20.48
CA ILE C 100 -8.08 -10.11 20.84
C ILE C 100 -7.83 -11.32 21.73
N THR C 101 -6.80 -12.10 21.38
CA THR C 101 -6.39 -13.26 22.14
C THR C 101 -5.97 -12.86 23.57
N GLU C 102 -5.14 -11.83 23.67
CA GLU C 102 -4.73 -11.31 24.98
C GLU C 102 -5.93 -10.82 25.81
N THR C 103 -6.90 -10.19 25.16
CA THR C 103 -8.12 -9.77 25.85
C THR C 103 -9.00 -10.97 26.25
N LEU C 104 -9.11 -11.97 25.39
CA LEU C 104 -9.83 -13.19 25.74
C LEU C 104 -9.11 -14.00 26.83
N ASN C 105 -7.78 -14.01 26.82
CA ASN C 105 -6.99 -14.71 27.84
C ASN C 105 -6.82 -13.88 29.12
N SER C 106 -7.53 -12.76 29.21
CA SER C 106 -7.43 -11.80 30.31
C SER C 106 -8.04 -12.40 31.57
N PRO C 107 -7.56 -11.99 32.77
CA PRO C 107 -8.24 -12.48 33.98
C PRO C 107 -9.70 -12.03 34.07
N LEU C 108 -9.99 -10.82 33.61
CA LEU C 108 -11.37 -10.33 33.52
C LEU C 108 -12.26 -11.29 32.74
N TYR C 109 -11.80 -11.65 31.54
CA TYR C 109 -12.59 -12.50 30.65
C TYR C 109 -12.58 -13.95 31.09
N GLN C 110 -11.44 -14.42 31.58
CA GLN C 110 -11.41 -15.80 32.06
C GLN C 110 -12.40 -15.98 33.20
N ALA C 111 -12.58 -14.92 34.00
CA ALA C 111 -13.50 -14.96 35.14
C ALA C 111 -14.98 -15.00 34.69
N LYS C 112 -15.35 -14.23 33.67
CA LYS C 112 -16.72 -14.31 33.13
C LYS C 112 -16.97 -15.69 32.51
N ILE C 113 -15.99 -16.21 31.78
CA ILE C 113 -16.07 -17.57 31.25
C ILE C 113 -16.35 -18.62 32.35
N GLN C 114 -15.67 -18.54 33.48
CA GLN C 114 -15.95 -19.47 34.60
C GLN C 114 -17.28 -19.17 35.28
N ASP C 115 -17.68 -17.89 35.29
CA ASP C 115 -19.04 -17.51 35.72
C ASP C 115 -20.12 -18.03 34.78
N MET C 116 -19.84 -18.09 33.47
CA MET C 116 -20.75 -18.76 32.53
C MET C 116 -20.85 -20.27 32.81
N LEU C 117 -19.73 -20.90 33.15
CA LEU C 117 -19.68 -22.36 33.36
C LEU C 117 -20.49 -22.82 34.57
N MET C 118 -20.22 -22.21 35.72
CA MET C 118 -20.94 -22.52 36.96
C MET C 118 -22.43 -22.21 36.83
N LYS C 119 -22.74 -21.08 36.19
CA LYS C 119 -24.13 -20.65 35.98
C LYS C 119 -24.94 -21.63 35.14
N ALA C 120 -24.26 -22.34 34.23
CA ALA C 120 -24.90 -23.39 33.42
C ALA C 120 -25.10 -24.70 34.21
N ALA C 121 -24.26 -24.94 35.21
CA ALA C 121 -24.35 -26.15 36.05
C ALA C 121 -25.58 -26.11 36.97
N LYS D 5 -23.40 -68.50 6.75
CA LYS D 5 -24.42 -69.35 6.08
C LYS D 5 -25.84 -68.93 6.51
N GLN D 6 -26.47 -67.96 5.81
CA GLN D 6 -25.98 -67.40 4.53
C GLN D 6 -24.89 -66.30 4.70
N GLN D 7 -25.19 -65.01 4.60
CA GLN D 7 -26.49 -64.46 4.17
C GLN D 7 -26.30 -63.03 3.65
N LEU D 8 -26.58 -62.83 2.36
CA LEU D 8 -26.53 -61.49 1.75
C LEU D 8 -27.65 -60.61 2.32
N VAL D 9 -27.31 -59.37 2.66
CA VAL D 9 -28.32 -58.41 3.09
C VAL D 9 -29.04 -57.91 1.85
N ILE D 10 -30.38 -57.88 1.92
CA ILE D 10 -31.20 -57.42 0.80
C ILE D 10 -31.85 -56.04 1.06
N ASP D 11 -32.01 -55.68 2.33
CA ASP D 11 -32.91 -54.59 2.72
C ASP D 11 -32.30 -53.21 2.57
N GLN D 12 -32.46 -52.65 1.38
CA GLN D 12 -31.87 -51.35 1.05
C GLN D 12 -32.40 -50.24 1.99
N LYS D 13 -33.63 -50.40 2.43
CA LYS D 13 -34.26 -49.45 3.36
C LYS D 13 -33.51 -49.41 4.68
N ALA D 14 -33.19 -50.58 5.22
CA ALA D 14 -32.54 -50.68 6.54
C ALA D 14 -31.11 -50.20 6.48
N VAL D 15 -30.45 -50.44 5.34
CA VAL D 15 -29.09 -49.93 5.10
C VAL D 15 -29.10 -48.43 4.93
N LYS D 16 -30.13 -47.92 4.27
CA LYS D 16 -30.25 -46.48 4.06
C LYS D 16 -30.44 -45.83 5.43
N GLU D 17 -31.46 -46.28 6.15
CA GLU D 17 -31.77 -45.74 7.48
C GLU D 17 -30.55 -45.72 8.41
N THR D 18 -29.71 -46.75 8.34
CA THR D 18 -28.52 -46.84 9.17
C THR D 18 -27.45 -45.82 8.76
N LEU D 19 -27.35 -45.53 7.47
CA LEU D 19 -26.43 -44.49 6.99
C LEU D 19 -26.97 -43.10 7.31
N GLN D 20 -28.28 -42.94 7.24
CA GLN D 20 -28.91 -41.68 7.58
C GLN D 20 -28.65 -41.31 9.05
N GLN D 21 -28.73 -42.29 9.95
CA GLN D 21 -28.44 -42.05 11.38
C GLN D 21 -27.01 -41.53 11.57
N MET D 22 -26.06 -42.06 10.79
CA MET D 22 -24.65 -41.67 10.89
C MET D 22 -24.40 -40.20 10.50
N LEU D 23 -25.17 -39.70 9.53
CA LEU D 23 -25.12 -38.28 9.16
C LEU D 23 -25.66 -37.38 10.29
N THR D 24 -26.84 -37.72 10.83
CA THR D 24 -27.53 -36.86 11.79
C THR D 24 -26.86 -36.84 13.17
N SER D 25 -26.27 -37.98 13.56
CA SER D 25 -25.52 -38.10 14.80
C SER D 25 -24.18 -37.37 14.62
N ASP D 26 -23.20 -37.70 15.47
CA ASP D 26 -21.88 -37.10 15.34
C ASP D 26 -20.84 -38.12 14.90
N GLN D 27 -21.32 -39.32 14.54
CA GLN D 27 -20.43 -40.41 14.14
C GLN D 27 -19.73 -40.06 12.83
N GLY D 28 -20.50 -39.50 11.91
CA GLY D 28 -19.97 -39.12 10.61
C GLY D 28 -19.11 -37.91 10.71
N LYS D 29 -19.54 -36.96 11.54
CA LYS D 29 -18.77 -35.76 11.78
C LYS D 29 -17.39 -36.13 12.34
N LYS D 30 -17.40 -36.99 13.34
CA LYS D 30 -16.17 -37.39 14.01
C LYS D 30 -15.25 -38.21 13.09
N PHE D 31 -15.80 -39.01 12.16
CA PHE D 31 -14.97 -39.72 11.20
C PHE D 31 -14.18 -38.76 10.32
N TRP D 32 -14.90 -37.82 9.72
CA TRP D 32 -14.28 -36.87 8.81
C TRP D 32 -13.27 -35.98 9.51
N GLU D 33 -13.66 -35.47 10.68
CA GLU D 33 -12.74 -34.64 11.48
C GLU D 33 -11.44 -35.39 11.81
N SER D 34 -11.51 -36.68 12.11
CA SER D 34 -10.29 -37.46 12.39
C SER D 34 -9.52 -37.81 11.13
N ALA D 35 -10.23 -38.34 10.13
CA ALA D 35 -9.64 -38.80 8.89
C ALA D 35 -8.87 -37.71 8.17
N LEU D 36 -9.34 -36.47 8.26
CA LEU D 36 -8.70 -35.38 7.51
C LEU D 36 -7.36 -34.91 8.11
N LYS D 37 -7.08 -35.32 9.35
CA LYS D 37 -5.76 -35.08 9.98
C LYS D 37 -4.69 -36.10 9.51
N ASP D 38 -5.13 -37.21 8.94
CA ASP D 38 -4.21 -38.17 8.33
C ASP D 38 -3.83 -37.67 6.93
N PRO D 39 -2.58 -37.20 6.75
CA PRO D 39 -2.21 -36.57 5.44
C PRO D 39 -2.23 -37.52 4.24
N LYS D 40 -2.12 -38.82 4.47
CA LYS D 40 -2.26 -39.79 3.39
C LYS D 40 -3.72 -39.83 2.90
N PHE D 41 -4.67 -39.84 3.83
CA PHE D 41 -6.08 -39.82 3.45
C PHE D 41 -6.49 -38.47 2.84
N ALA D 42 -5.95 -37.37 3.37
CA ALA D 42 -6.17 -36.02 2.81
C ALA D 42 -5.67 -35.90 1.37
N GLU D 43 -4.60 -36.61 1.05
CA GLU D 43 -4.08 -36.62 -0.31
C GLU D 43 -5.00 -37.40 -1.27
N SER D 44 -5.49 -38.56 -0.85
CA SER D 44 -6.45 -39.33 -1.65
C SER D 44 -7.80 -38.62 -1.78
N PHE D 45 -8.29 -38.12 -0.65
CA PHE D 45 -9.48 -37.29 -0.61
C PHE D 45 -9.38 -36.11 -1.60
N ALA D 46 -8.30 -35.31 -1.48
CA ALA D 46 -8.12 -34.13 -2.36
C ALA D 46 -7.93 -34.52 -3.80
N LYS D 47 -7.24 -35.64 -4.06
CA LYS D 47 -7.01 -36.07 -5.44
C LYS D 47 -8.30 -36.48 -6.13
N GLY D 48 -9.18 -37.18 -5.40
CA GLY D 48 -10.47 -37.61 -5.94
C GLY D 48 -11.34 -36.41 -6.26
N LEU D 49 -11.28 -35.41 -5.38
CA LEU D 49 -12.02 -34.16 -5.51
C LEU D 49 -11.31 -33.05 -6.30
N GLN D 50 -10.13 -33.34 -6.84
CA GLN D 50 -9.30 -32.33 -7.50
C GLN D 50 -10.02 -31.63 -8.66
N ALA D 51 -10.64 -32.39 -9.55
CA ALA D 51 -11.33 -31.78 -10.70
C ALA D 51 -12.39 -30.80 -10.23
N GLU D 52 -13.09 -31.15 -9.16
CA GLU D 52 -14.18 -30.32 -8.62
C GLU D 52 -13.62 -29.12 -7.87
N HIS D 53 -12.55 -29.33 -7.12
CA HIS D 53 -11.88 -28.25 -6.40
C HIS D 53 -11.32 -27.24 -7.39
N GLU D 54 -10.69 -27.72 -8.45
CA GLU D 54 -10.16 -26.86 -9.48
C GLU D 54 -11.29 -26.07 -10.20
N LYS D 55 -12.36 -26.76 -10.58
CA LYS D 55 -13.56 -26.08 -11.10
C LYS D 55 -14.05 -24.96 -10.16
N MET D 56 -14.12 -25.23 -8.86
CA MET D 56 -14.51 -24.20 -7.91
C MET D 56 -13.52 -23.00 -7.87
N MET D 57 -12.22 -23.26 -7.75
CA MET D 57 -11.27 -22.13 -7.64
C MET D 57 -11.26 -21.28 -8.93
N ARG D 58 -11.39 -21.93 -10.09
CA ARG D 58 -11.53 -21.22 -11.36
C ARG D 58 -12.81 -20.36 -11.43
N ALA D 59 -13.94 -20.92 -11.02
CA ALA D 59 -15.19 -20.16 -11.03
C ALA D 59 -15.14 -18.98 -10.05
N LEU D 60 -14.54 -19.16 -8.88
CA LEU D 60 -14.38 -18.04 -7.96
C LEU D 60 -13.64 -16.84 -8.55
N MET D 61 -12.69 -17.11 -9.43
CA MET D 61 -11.95 -16.03 -10.09
C MET D 61 -12.80 -15.14 -10.98
N LYS D 62 -13.99 -15.61 -11.35
N LYS D 62 -13.97 -15.65 -11.39
CA LYS D 62 -14.90 -14.82 -12.16
CA LYS D 62 -14.94 -14.90 -12.19
C LYS D 62 -16.09 -14.31 -11.34
C LYS D 62 -16.00 -14.21 -11.31
N ASP D 63 -16.08 -14.59 -10.05
CA ASP D 63 -17.10 -14.07 -9.15
C ASP D 63 -16.72 -12.68 -8.60
N PRO D 64 -17.63 -11.69 -8.67
CA PRO D 64 -17.28 -10.32 -8.25
C PRO D 64 -16.82 -10.17 -6.79
N ASP D 65 -17.49 -10.83 -5.84
CA ASP D 65 -17.06 -10.76 -4.45
C ASP D 65 -15.66 -11.33 -4.24
N TYR D 66 -15.40 -12.51 -4.81
CA TYR D 66 -14.09 -13.12 -4.67
C TYR D 66 -13.00 -12.28 -5.35
N GLN D 67 -13.28 -11.67 -6.49
CA GLN D 67 -12.27 -10.83 -7.14
C GLN D 67 -11.96 -9.64 -6.24
N ALA D 68 -12.98 -9.09 -5.59
CA ALA D 68 -12.76 -7.96 -4.70
C ALA D 68 -11.87 -8.38 -3.53
N LEU D 69 -12.10 -9.60 -3.03
CA LEU D 69 -11.31 -10.16 -1.93
C LEU D 69 -9.90 -10.40 -2.40
N MET D 70 -9.74 -10.90 -3.62
CA MET D 70 -8.44 -11.12 -4.18
C MET D 70 -7.69 -9.78 -4.40
N ILE D 71 -8.42 -8.77 -4.87
CA ILE D 71 -7.84 -7.47 -5.04
C ILE D 71 -7.31 -6.88 -3.72
N ASP D 72 -8.02 -7.08 -2.59
CA ASP D 72 -7.48 -6.64 -1.27
C ASP D 72 -6.12 -7.30 -0.96
N ILE D 73 -5.96 -8.59 -1.25
CA ILE D 73 -4.69 -9.26 -0.98
C ILE D 73 -3.58 -8.73 -1.93
N LEU D 74 -3.95 -8.43 -3.16
CA LEU D 74 -3.03 -7.86 -4.13
C LEU D 74 -2.61 -6.44 -3.74
N LYS D 75 -3.40 -5.78 -2.91
CA LYS D 75 -3.03 -4.47 -2.41
C LYS D 75 -2.37 -4.51 -1.06
N ASP D 76 -2.10 -5.70 -0.55
CA ASP D 76 -1.43 -5.81 0.75
C ASP D 76 -0.04 -5.16 0.59
N PRO D 77 0.45 -4.54 1.67
CA PRO D 77 1.81 -3.97 1.63
C PRO D 77 2.86 -4.96 1.17
N GLU D 78 2.72 -6.23 1.53
CA GLU D 78 3.63 -7.27 1.08
C GLU D 78 3.63 -7.53 -0.44
N MET D 79 2.45 -7.43 -1.06
CA MET D 79 2.33 -7.53 -2.50
C MET D 79 2.72 -6.23 -3.16
N GLU D 80 2.60 -5.12 -2.47
CA GLU D 80 3.10 -3.86 -3.02
C GLU D 80 4.65 -3.88 -3.07
N LYS D 81 5.28 -4.40 -2.03
CA LYS D 81 6.72 -4.59 -2.06
C LYS D 81 7.14 -5.52 -3.22
N ALA D 82 6.35 -6.55 -3.53
CA ALA D 82 6.68 -7.43 -4.67
C ALA D 82 6.52 -6.68 -6.01
N MET D 83 5.50 -5.86 -6.15
CA MET D 83 5.34 -5.11 -7.37
C MET D 83 6.50 -4.14 -7.58
N VAL D 84 6.94 -3.46 -6.52
CA VAL D 84 8.10 -2.60 -6.63
C VAL D 84 9.35 -3.38 -7.09
N ASP D 85 9.55 -4.58 -6.57
CA ASP D 85 10.64 -5.43 -7.10
C ASP D 85 10.45 -5.75 -8.59
N VAL D 86 9.24 -6.05 -9.03
CA VAL D 86 9.02 -6.29 -10.46
C VAL D 86 9.35 -5.05 -11.29
N LEU D 87 8.89 -3.87 -10.85
CA LEU D 87 9.16 -2.60 -11.56
C LEU D 87 10.65 -2.26 -11.63
N LYS D 88 11.40 -2.69 -10.62
CA LYS D 88 12.82 -2.48 -10.55
C LYS D 88 13.60 -3.67 -11.12
N SER D 89 12.90 -4.69 -11.63
CA SER D 89 13.60 -5.89 -12.11
C SER D 89 14.24 -5.72 -13.50
N LYS D 90 15.07 -6.69 -13.86
CA LYS D 90 15.74 -6.72 -15.16
C LYS D 90 14.77 -7.18 -16.26
N GLU D 91 13.89 -8.13 -15.94
CA GLU D 91 12.81 -8.49 -16.85
C GLU D 91 11.96 -7.28 -17.31
N PHE D 92 11.89 -6.21 -16.49
CA PHE D 92 11.09 -5.03 -16.84
C PHE D 92 11.91 -3.81 -17.31
N ARG D 93 13.21 -3.82 -16.99
N ARG D 93 13.21 -3.78 -17.01
CA ARG D 93 14.14 -2.73 -17.30
CA ARG D 93 13.98 -2.58 -17.30
C ARG D 93 14.13 -2.29 -18.76
C ARG D 93 14.12 -2.26 -18.80
N GLN D 94 14.08 -3.27 -19.66
CA GLN D 94 14.12 -3.02 -21.10
C GLN D 94 12.91 -2.24 -21.59
N HIS D 95 11.74 -2.55 -21.04
CA HIS D 95 10.53 -1.85 -21.44
C HIS D 95 10.53 -0.43 -20.91
N LEU D 96 10.97 -0.28 -19.66
CA LEU D 96 11.09 1.01 -19.03
C LEU D 96 11.98 1.95 -19.84
N GLN D 97 13.14 1.43 -20.21
CA GLN D 97 14.14 2.18 -20.93
C GLN D 97 13.68 2.58 -22.35
N LYS D 98 12.81 1.77 -22.95
CA LYS D 98 12.18 2.13 -24.22
C LYS D 98 11.27 3.36 -24.04
N VAL D 99 10.49 3.34 -22.97
CA VAL D 99 9.56 4.45 -22.70
C VAL D 99 10.34 5.71 -22.36
N ILE D 100 11.45 5.55 -21.65
CA ILE D 100 12.35 6.68 -21.34
C ILE D 100 12.97 7.23 -22.62
N THR D 101 13.41 6.35 -23.50
CA THR D 101 14.16 6.81 -24.68
C THR D 101 13.19 7.50 -25.63
N GLU D 102 12.02 6.92 -25.83
CA GLU D 102 10.97 7.55 -26.65
C GLU D 102 10.58 8.94 -26.13
N THR D 103 10.44 9.08 -24.81
CA THR D 103 10.21 10.37 -24.17
C THR D 103 11.38 11.33 -24.42
N LEU D 104 12.59 10.89 -24.08
CA LEU D 104 13.78 11.74 -24.29
C LEU D 104 13.90 12.20 -25.74
N ASN D 105 13.56 11.31 -26.67
CA ASN D 105 13.70 11.59 -28.09
C ASN D 105 12.57 12.46 -28.67
N SER D 106 11.52 12.70 -27.89
CA SER D 106 10.39 13.53 -28.35
C SER D 106 10.84 14.97 -28.57
N PRO D 107 10.08 15.74 -29.39
CA PRO D 107 10.53 17.09 -29.71
C PRO D 107 10.79 17.95 -28.47
N LEU D 108 9.82 17.97 -27.54
CA LEU D 108 9.92 18.80 -26.32
C LEU D 108 11.25 18.63 -25.61
N TYR D 109 11.63 17.37 -25.32
CA TYR D 109 12.86 17.08 -24.55
C TYR D 109 14.16 17.21 -25.35
N GLN D 110 14.13 16.83 -26.62
CA GLN D 110 15.22 17.16 -27.53
C GLN D 110 15.54 18.66 -27.48
N ALA D 111 14.50 19.50 -27.58
CA ALA D 111 14.66 20.95 -27.44
C ALA D 111 15.13 21.34 -26.05
N LYS D 112 14.58 20.67 -25.04
CA LYS D 112 14.92 20.97 -23.66
C LYS D 112 16.41 20.70 -23.37
N ILE D 113 16.89 19.53 -23.78
CA ILE D 113 18.29 19.14 -23.52
C ILE D 113 19.23 20.00 -24.35
N GLN D 114 18.89 20.23 -25.61
CA GLN D 114 19.67 21.12 -26.48
C GLN D 114 19.85 22.51 -25.84
N ASP D 115 18.76 23.05 -25.29
CA ASP D 115 18.80 24.34 -24.59
C ASP D 115 19.70 24.26 -23.34
N MET D 116 19.49 23.24 -22.53
CA MET D 116 20.34 23.02 -21.36
C MET D 116 21.84 22.94 -21.71
N LEU D 117 22.15 22.36 -22.87
CA LEU D 117 23.54 22.09 -23.29
C LEU D 117 24.24 23.33 -23.80
N MET D 118 23.52 24.15 -24.58
CA MET D 118 24.01 25.46 -25.04
C MET D 118 24.33 26.34 -23.82
N LYS D 119 23.41 26.39 -22.87
CA LYS D 119 23.58 27.15 -21.63
C LYS D 119 24.61 26.51 -20.71
N ALA D 120 24.83 25.20 -20.84
CA ALA D 120 25.91 24.53 -20.13
C ALA D 120 27.25 24.89 -20.77
N ALA D 121 27.24 25.10 -22.09
CA ALA D 121 28.45 25.47 -22.85
C ALA D 121 29.00 26.86 -22.48
N GLU D 122 28.10 27.81 -22.23
CA GLU D 122 28.48 29.15 -21.75
C GLU D 122 29.03 29.09 -20.33
N LYS D 123 28.23 28.56 -19.40
CA LYS D 123 28.63 28.42 -17.98
C LYS D 123 30.05 27.84 -17.80
N VAL D 124 30.44 26.96 -18.70
CA VAL D 124 31.81 26.45 -18.78
C VAL D 124 32.67 27.41 -19.57
N GLN E 6 -25.92 -66.37 11.94
CA GLN E 6 -25.08 -66.22 10.71
C GLN E 6 -24.49 -64.80 10.59
N GLN E 7 -23.31 -64.70 9.98
CA GLN E 7 -22.69 -63.41 9.67
C GLN E 7 -23.30 -62.87 8.37
N LEU E 8 -23.57 -61.57 8.36
CA LEU E 8 -24.26 -60.92 7.25
C LEU E 8 -23.29 -60.13 6.36
N VAL E 9 -23.37 -60.38 5.05
CA VAL E 9 -22.56 -59.67 4.06
C VAL E 9 -23.32 -58.47 3.50
N ILE E 10 -22.69 -57.29 3.52
CA ILE E 10 -23.24 -56.08 2.94
C ILE E 10 -22.41 -55.70 1.72
N ASP E 11 -22.98 -55.80 0.52
CA ASP E 11 -22.23 -55.43 -0.70
C ASP E 11 -21.78 -53.97 -0.67
N GLN E 12 -20.47 -53.76 -0.72
CA GLN E 12 -19.88 -52.43 -0.72
C GLN E 12 -20.35 -51.55 -1.89
N LYS E 13 -20.64 -52.14 -3.04
CA LYS E 13 -21.10 -51.36 -4.16
C LYS E 13 -22.55 -50.89 -3.96
N ALA E 14 -23.37 -51.65 -3.23
CA ALA E 14 -24.74 -51.18 -2.93
C ALA E 14 -24.67 -50.02 -1.95
N VAL E 15 -23.77 -50.13 -1.00
CA VAL E 15 -23.53 -49.06 -0.05
C VAL E 15 -23.09 -47.81 -0.81
N LYS E 16 -22.12 -47.97 -1.71
CA LYS E 16 -21.61 -46.83 -2.50
C LYS E 16 -22.74 -46.11 -3.27
N GLU E 17 -23.54 -46.90 -3.96
CA GLU E 17 -24.71 -46.44 -4.70
C GLU E 17 -25.73 -45.69 -3.82
N THR E 18 -26.07 -46.24 -2.67
CA THR E 18 -26.96 -45.57 -1.73
C THR E 18 -26.32 -44.28 -1.19
N LEU E 19 -25.05 -44.37 -0.87
CA LEU E 19 -24.29 -43.18 -0.45
C LEU E 19 -24.32 -42.07 -1.49
N GLN E 20 -24.19 -42.41 -2.77
CA GLN E 20 -24.17 -41.40 -3.83
C GLN E 20 -25.48 -40.60 -3.86
N GLN E 21 -26.59 -41.32 -3.77
CA GLN E 21 -27.88 -40.66 -3.76
C GLN E 21 -27.94 -39.73 -2.55
N MET E 22 -27.44 -40.20 -1.40
CA MET E 22 -27.48 -39.38 -0.19
C MET E 22 -26.60 -38.15 -0.28
N LEU E 23 -25.40 -38.32 -0.83
CA LEU E 23 -24.50 -37.20 -1.04
C LEU E 23 -25.17 -36.16 -1.95
N THR E 24 -25.86 -36.57 -3.02
CA THR E 24 -26.53 -35.59 -3.93
C THR E 24 -27.95 -35.23 -3.49
N SER E 25 -28.21 -35.26 -2.17
CA SER E 25 -29.54 -34.94 -1.64
C SER E 25 -29.40 -33.83 -0.61
N ASP E 26 -30.54 -33.23 -0.29
CA ASP E 26 -30.63 -32.16 0.71
C ASP E 26 -30.05 -32.54 2.07
N GLN E 27 -30.17 -33.80 2.47
CA GLN E 27 -29.55 -34.23 3.71
C GLN E 27 -28.03 -34.23 3.58
N GLY E 28 -27.52 -34.44 2.38
CA GLY E 28 -26.08 -34.33 2.15
C GLY E 28 -25.56 -32.93 2.45
N LYS E 29 -26.10 -31.95 1.74
CA LYS E 29 -25.79 -30.56 1.97
C LYS E 29 -25.95 -30.18 3.43
N LYS E 30 -27.08 -30.58 4.03
CA LYS E 30 -27.35 -30.26 5.43
C LYS E 30 -26.25 -30.79 6.35
N PHE E 31 -25.76 -32.01 6.11
CA PHE E 31 -24.63 -32.52 6.89
C PHE E 31 -23.41 -31.58 6.83
N TRP E 32 -23.07 -31.08 5.64
CA TRP E 32 -21.86 -30.28 5.51
C TRP E 32 -22.02 -28.92 6.19
N GLU E 33 -23.19 -28.31 6.04
CA GLU E 33 -23.46 -27.02 6.69
C GLU E 33 -23.44 -27.14 8.20
N SER E 34 -24.10 -28.16 8.73
CA SER E 34 -24.09 -28.37 10.18
C SER E 34 -22.69 -28.70 10.67
N ALA E 35 -21.93 -29.50 9.92
CA ALA E 35 -20.58 -29.90 10.35
C ALA E 35 -19.63 -28.72 10.36
N LEU E 36 -19.70 -27.90 9.32
CA LEU E 36 -18.75 -26.79 9.15
C LEU E 36 -19.04 -25.58 10.04
N LYS E 37 -20.16 -25.60 10.77
CA LYS E 37 -20.46 -24.58 11.77
C LYS E 37 -19.76 -24.85 13.13
N ASP E 38 -19.14 -26.03 13.26
CA ASP E 38 -18.26 -26.32 14.38
C ASP E 38 -16.88 -25.81 13.95
N PRO E 39 -16.32 -24.81 14.65
CA PRO E 39 -15.01 -24.25 14.27
C PRO E 39 -13.89 -25.31 14.18
N LYS E 40 -13.91 -26.29 15.08
CA LYS E 40 -12.90 -27.35 15.11
C LYS E 40 -13.01 -28.31 13.94
N PHE E 41 -14.21 -28.51 13.41
CA PHE E 41 -14.38 -29.29 12.20
C PHE E 41 -13.89 -28.49 10.99
N ALA E 42 -14.23 -27.20 10.97
CA ALA E 42 -13.80 -26.31 9.88
C ALA E 42 -12.27 -26.18 9.82
N GLU E 43 -11.63 -26.08 10.98
CA GLU E 43 -10.18 -26.02 11.05
C GLU E 43 -9.57 -27.30 10.49
N SER E 44 -10.00 -28.47 10.97
CA SER E 44 -9.45 -29.76 10.53
C SER E 44 -9.60 -29.95 9.03
N PHE E 45 -10.73 -29.53 8.48
CA PHE E 45 -10.98 -29.56 7.06
C PHE E 45 -9.99 -28.63 6.35
N ALA E 46 -9.91 -27.38 6.76
CA ALA E 46 -9.04 -26.39 6.07
C ALA E 46 -7.53 -26.74 6.21
N LYS E 47 -7.10 -27.01 7.44
CA LYS E 47 -5.71 -27.43 7.73
C LYS E 47 -5.35 -28.76 7.05
N GLY E 48 -6.31 -29.68 7.00
CA GLY E 48 -6.08 -31.01 6.42
C GLY E 48 -5.92 -31.01 4.92
N LEU E 49 -6.69 -30.15 4.24
CA LEU E 49 -6.62 -29.97 2.80
C LEU E 49 -5.58 -28.92 2.37
N GLN E 50 -4.98 -28.22 3.32
CA GLN E 50 -4.13 -27.07 2.98
C GLN E 50 -3.00 -27.41 1.99
N ALA E 51 -2.27 -28.50 2.27
CA ALA E 51 -1.12 -28.87 1.45
C ALA E 51 -1.53 -29.12 0.00
N GLU E 52 -2.60 -29.87 -0.22
CA GLU E 52 -3.09 -30.08 -1.59
C GLU E 52 -3.74 -28.81 -2.17
N HIS E 53 -4.37 -27.99 -1.33
CA HIS E 53 -4.87 -26.71 -1.79
C HIS E 53 -3.73 -25.86 -2.37
N GLU E 54 -2.63 -25.77 -1.62
CA GLU E 54 -1.44 -25.04 -2.07
C GLU E 54 -0.87 -25.60 -3.36
N LYS E 55 -0.75 -26.92 -3.45
CA LYS E 55 -0.25 -27.52 -4.67
C LYS E 55 -1.15 -27.16 -5.85
N MET E 56 -2.46 -27.20 -5.62
CA MET E 56 -3.48 -26.81 -6.61
C MET E 56 -3.31 -25.37 -7.05
N MET E 57 -3.25 -24.47 -6.09
CA MET E 57 -3.12 -23.06 -6.41
C MET E 57 -1.77 -22.71 -7.10
N ARG E 58 -0.69 -23.41 -6.76
CA ARG E 58 0.62 -23.10 -7.37
C ARG E 58 0.64 -23.57 -8.83
N ALA E 59 -0.07 -24.67 -9.10
CA ALA E 59 -0.18 -25.18 -10.45
C ALA E 59 -1.06 -24.26 -11.29
N LEU E 60 -2.17 -23.80 -10.72
CA LEU E 60 -3.00 -22.79 -11.38
C LEU E 60 -2.22 -21.53 -11.75
N MET E 61 -1.33 -21.06 -10.87
CA MET E 61 -0.48 -19.90 -11.18
C MET E 61 0.29 -20.05 -12.49
N LYS E 62 0.59 -21.29 -12.87
CA LYS E 62 1.35 -21.63 -14.08
C LYS E 62 0.44 -22.04 -15.24
N ASP E 63 -0.87 -21.91 -15.03
CA ASP E 63 -1.84 -22.28 -16.05
C ASP E 63 -2.17 -21.04 -16.90
N PRO E 64 -1.97 -21.11 -18.22
CA PRO E 64 -2.28 -19.94 -19.06
C PRO E 64 -3.70 -19.40 -18.91
N ASP E 65 -4.69 -20.27 -18.75
CA ASP E 65 -6.06 -19.82 -18.63
C ASP E 65 -6.30 -19.18 -17.26
N TYR E 66 -5.82 -19.80 -16.19
CA TYR E 66 -5.90 -19.19 -14.87
C TYR E 66 -5.11 -17.87 -14.88
N GLN E 67 -3.97 -17.85 -15.57
CA GLN E 67 -3.21 -16.61 -15.68
C GLN E 67 -4.06 -15.50 -16.33
N ALA E 68 -4.77 -15.85 -17.40
CA ALA E 68 -5.63 -14.86 -18.06
C ALA E 68 -6.71 -14.33 -17.11
N LEU E 69 -7.19 -15.17 -16.20
CA LEU E 69 -8.17 -14.73 -15.18
C LEU E 69 -7.55 -13.77 -14.16
N MET E 70 -6.32 -14.06 -13.74
CA MET E 70 -5.59 -13.18 -12.83
C MET E 70 -5.21 -11.89 -13.52
N ILE E 71 -4.77 -11.97 -14.77
CA ILE E 71 -4.47 -10.76 -15.53
C ILE E 71 -5.69 -9.83 -15.55
N ASP E 72 -6.89 -10.36 -15.80
N ASP E 72 -6.89 -10.37 -15.78
CA ASP E 72 -8.11 -9.53 -15.85
CA ASP E 72 -8.10 -9.55 -15.81
C ASP E 72 -8.39 -8.81 -14.52
C ASP E 72 -8.35 -8.80 -14.51
N ILE E 73 -8.05 -9.46 -13.39
CA ILE E 73 -8.18 -8.85 -12.08
C ILE E 73 -7.10 -7.73 -11.93
N LEU E 74 -5.86 -8.03 -12.33
CA LEU E 74 -4.82 -7.01 -12.33
C LEU E 74 -5.15 -5.76 -13.12
N LYS E 75 -6.06 -5.86 -14.11
CA LYS E 75 -6.50 -4.68 -14.92
C LYS E 75 -7.85 -4.09 -14.48
N ASP E 76 -8.49 -4.64 -13.45
CA ASP E 76 -9.59 -3.94 -12.78
C ASP E 76 -9.18 -2.53 -12.33
N PRO E 77 -10.07 -1.53 -12.48
CA PRO E 77 -9.70 -0.16 -12.16
C PRO E 77 -9.10 0.02 -10.77
N GLU E 78 -9.56 -0.76 -9.80
CA GLU E 78 -8.98 -0.72 -8.46
C GLU E 78 -7.50 -1.10 -8.46
N MET E 79 -7.14 -2.14 -9.21
CA MET E 79 -5.74 -2.56 -9.27
C MET E 79 -4.91 -1.63 -10.10
N GLU E 80 -5.49 -1.05 -11.13
CA GLU E 80 -4.80 -0.08 -11.97
C GLU E 80 -4.40 1.12 -11.13
N LYS E 81 -5.34 1.62 -10.34
CA LYS E 81 -5.08 2.74 -9.42
C LYS E 81 -3.97 2.41 -8.40
N ALA E 82 -4.03 1.22 -7.80
CA ALA E 82 -2.99 0.79 -6.86
C ALA E 82 -1.62 0.67 -7.53
N MET E 83 -1.60 0.21 -8.78
CA MET E 83 -0.33 0.11 -9.51
C MET E 83 0.26 1.49 -9.83
N VAL E 84 -0.60 2.42 -10.19
CA VAL E 84 -0.21 3.79 -10.47
C VAL E 84 0.33 4.47 -9.22
N ASP E 85 -0.30 4.20 -8.07
CA ASP E 85 0.21 4.73 -6.80
C ASP E 85 1.59 4.19 -6.47
N VAL E 86 1.86 2.93 -6.83
CA VAL E 86 3.21 2.37 -6.64
C VAL E 86 4.25 3.13 -7.48
N LEU E 87 3.89 3.49 -8.71
CA LEU E 87 4.76 4.31 -9.56
C LEU E 87 5.12 5.64 -8.95
N LYS E 88 4.20 6.21 -8.17
CA LYS E 88 4.38 7.53 -7.55
C LYS E 88 5.26 7.51 -6.31
N SER E 89 5.52 6.32 -5.77
CA SER E 89 6.24 6.21 -4.53
C SER E 89 7.63 6.79 -4.71
N LYS E 90 8.19 7.27 -3.60
CA LYS E 90 9.51 7.87 -3.61
C LYS E 90 10.52 6.82 -4.09
N GLU E 91 10.36 5.57 -3.65
CA GLU E 91 11.30 4.52 -4.00
C GLU E 91 11.37 4.37 -5.54
N PHE E 92 10.23 4.34 -6.19
CA PHE E 92 10.27 4.12 -7.62
C PHE E 92 10.75 5.36 -8.36
N ARG E 93 10.38 6.53 -7.87
CA ARG E 93 10.88 7.77 -8.46
C ARG E 93 12.40 7.85 -8.37
N GLN E 94 12.97 7.42 -7.23
CA GLN E 94 14.43 7.42 -7.09
C GLN E 94 15.07 6.43 -8.08
N HIS E 95 14.39 5.32 -8.36
CA HIS E 95 14.84 4.36 -9.35
C HIS E 95 14.71 4.87 -10.78
N LEU E 96 13.65 5.62 -11.06
CA LEU E 96 13.51 6.26 -12.35
C LEU E 96 14.64 7.25 -12.55
N GLN E 97 15.00 8.01 -11.53
CA GLN E 97 16.15 8.89 -11.68
C GLN E 97 17.43 8.10 -12.05
N LYS E 98 17.66 6.94 -11.42
CA LYS E 98 18.85 6.13 -11.68
C LYS E 98 18.87 5.64 -13.13
N VAL E 99 17.75 5.07 -13.58
CA VAL E 99 17.62 4.52 -14.91
C VAL E 99 17.71 5.59 -16.01
N ILE E 100 17.15 6.78 -15.77
CA ILE E 100 17.28 7.87 -16.72
C ILE E 100 18.75 8.37 -16.76
N THR E 101 19.38 8.43 -15.60
CA THR E 101 20.79 8.83 -15.52
C THR E 101 21.68 7.86 -16.32
N GLU E 102 21.43 6.56 -16.17
CA GLU E 102 22.16 5.57 -16.92
C GLU E 102 21.90 5.64 -18.43
N THR E 103 20.65 5.90 -18.83
CA THR E 103 20.33 6.07 -20.24
C THR E 103 21.09 7.27 -20.83
N LEU E 104 21.10 8.38 -20.11
CA LEU E 104 21.75 9.58 -20.61
C LEU E 104 23.29 9.46 -20.70
N ASN E 105 23.86 8.56 -19.90
CA ASN E 105 25.30 8.25 -19.93
C ASN E 105 25.65 7.11 -20.87
N SER E 106 24.65 6.48 -21.47
CA SER E 106 24.88 5.36 -22.37
C SER E 106 25.58 5.87 -23.64
N PRO E 107 26.21 4.97 -24.38
CA PRO E 107 26.98 5.41 -25.56
C PRO E 107 26.18 6.23 -26.58
N LEU E 108 25.00 5.75 -26.96
CA LEU E 108 24.13 6.45 -27.94
C LEU E 108 23.85 7.91 -27.57
N TYR E 109 23.49 8.15 -26.30
CA TYR E 109 23.18 9.52 -25.87
C TYR E 109 24.40 10.40 -25.70
N GLN E 110 25.48 9.85 -25.14
CA GLN E 110 26.72 10.62 -25.04
C GLN E 110 27.26 10.97 -26.42
N ALA E 111 26.99 10.11 -27.41
CA ALA E 111 27.37 10.42 -28.80
C ALA E 111 26.53 11.59 -29.37
N LYS E 112 25.22 11.60 -29.07
CA LYS E 112 24.36 12.71 -29.50
C LYS E 112 24.78 14.00 -28.80
N ILE E 113 25.14 13.89 -27.53
CA ILE E 113 25.50 15.07 -26.76
C ILE E 113 26.76 15.72 -27.33
N GLN E 114 27.77 14.94 -27.68
CA GLN E 114 28.99 15.47 -28.31
C GLN E 114 28.72 16.06 -29.70
N ASP E 115 27.84 15.43 -30.48
CA ASP E 115 27.51 15.92 -31.82
C ASP E 115 26.70 17.23 -31.74
N MET E 116 25.91 17.38 -30.68
CA MET E 116 25.18 18.62 -30.44
C MET E 116 26.12 19.76 -30.06
N LEU E 117 27.19 19.42 -29.32
CA LEU E 117 28.16 20.41 -28.85
C LEU E 117 29.04 20.97 -29.97
N MET E 118 29.44 20.10 -30.91
CA MET E 118 30.30 20.51 -32.03
C MET E 118 29.52 21.15 -33.19
N LYS E 119 28.26 20.77 -33.40
CA LYS E 119 27.40 21.47 -34.37
C LYS E 119 27.16 22.92 -33.93
N ALA E 120 27.07 23.14 -32.63
CA ALA E 120 26.91 24.48 -32.05
C ALA E 120 28.12 24.81 -31.17
N ASP F 11 -32.76 -57.85 13.81
CA ASP F 11 -31.52 -57.91 12.97
C ASP F 11 -30.92 -56.51 12.69
N GLN F 12 -31.46 -55.50 13.37
CA GLN F 12 -30.98 -54.13 13.19
C GLN F 12 -29.57 -53.94 13.76
N LYS F 13 -29.29 -54.58 14.89
CA LYS F 13 -28.00 -54.46 15.57
C LYS F 13 -26.85 -55.00 14.72
N ALA F 14 -27.07 -56.16 14.10
CA ALA F 14 -26.07 -56.78 13.23
C ALA F 14 -25.64 -55.86 12.09
N VAL F 15 -26.62 -55.43 11.29
CA VAL F 15 -26.36 -54.56 10.14
C VAL F 15 -25.66 -53.27 10.54
N LYS F 16 -26.12 -52.65 11.63
CA LYS F 16 -25.58 -51.37 12.07
C LYS F 16 -24.09 -51.43 12.30
N GLU F 17 -23.65 -52.38 13.11
CA GLU F 17 -22.25 -52.48 13.46
C GLU F 17 -21.40 -52.82 12.24
N THR F 18 -21.94 -53.67 11.37
CA THR F 18 -21.28 -54.03 10.11
C THR F 18 -21.03 -52.78 9.26
N LEU F 19 -22.04 -51.94 9.11
CA LEU F 19 -21.90 -50.69 8.37
C LEU F 19 -20.87 -49.78 9.02
N GLN F 20 -20.88 -49.72 10.36
CA GLN F 20 -19.86 -48.97 11.09
C GLN F 20 -18.46 -49.54 10.91
N GLN F 21 -18.33 -50.85 10.83
CA GLN F 21 -17.04 -51.45 10.51
C GLN F 21 -16.59 -50.93 9.15
N MET F 22 -17.46 -51.07 8.16
CA MET F 22 -17.16 -50.61 6.80
C MET F 22 -16.79 -49.13 6.69
N LEU F 23 -17.40 -48.27 7.50
CA LEU F 23 -17.34 -46.82 7.29
C LEU F 23 -16.68 -45.93 8.39
N THR F 24 -16.15 -46.53 9.46
CA THR F 24 -15.79 -45.76 10.70
C THR F 24 -14.32 -45.49 10.98
N SER F 25 -13.43 -46.40 10.60
CA SER F 25 -12.04 -46.26 11.02
C SER F 25 -11.12 -46.32 9.82
N ASP F 26 -10.11 -47.17 9.86
CA ASP F 26 -9.20 -47.31 8.74
C ASP F 26 -9.86 -47.99 7.54
N GLN F 27 -10.92 -48.75 7.79
CA GLN F 27 -11.73 -49.34 6.72
C GLN F 27 -12.57 -48.26 6.05
N GLY F 28 -13.12 -47.37 6.87
CA GLY F 28 -13.77 -46.15 6.41
C GLY F 28 -12.86 -45.44 5.42
N LYS F 29 -11.63 -45.17 5.84
CA LYS F 29 -10.68 -44.47 4.98
C LYS F 29 -10.56 -45.15 3.64
N LYS F 30 -10.40 -46.48 3.66
CA LYS F 30 -10.20 -47.23 2.42
C LYS F 30 -11.46 -47.25 1.55
N PHE F 31 -12.64 -47.27 2.16
CA PHE F 31 -13.83 -47.24 1.37
C PHE F 31 -13.91 -45.93 0.59
N TRP F 32 -13.64 -44.81 1.26
CA TRP F 32 -13.83 -43.48 0.67
C TRP F 32 -12.75 -43.20 -0.36
N GLU F 33 -11.52 -43.56 -0.03
CA GLU F 33 -10.40 -43.44 -0.97
C GLU F 33 -10.73 -44.13 -2.29
N SER F 34 -11.34 -45.29 -2.22
CA SER F 34 -11.72 -46.07 -3.40
C SER F 34 -12.93 -45.47 -4.12
N ALA F 35 -13.96 -45.13 -3.35
CA ALA F 35 -15.17 -44.55 -3.91
C ALA F 35 -14.88 -43.23 -4.69
N LEU F 36 -14.05 -42.39 -4.11
CA LEU F 36 -13.73 -41.08 -4.67
C LEU F 36 -12.83 -41.13 -5.92
N LYS F 37 -12.30 -42.31 -6.26
CA LYS F 37 -11.64 -42.48 -7.56
C LYS F 37 -12.62 -42.54 -8.73
N ASP F 38 -13.86 -42.90 -8.44
CA ASP F 38 -14.97 -42.81 -9.40
C ASP F 38 -15.29 -41.32 -9.56
N PRO F 39 -15.07 -40.76 -10.73
CA PRO F 39 -15.22 -39.32 -10.89
C PRO F 39 -16.66 -38.83 -10.81
N LYS F 40 -17.63 -39.66 -11.16
CA LYS F 40 -19.02 -39.29 -10.93
C LYS F 40 -19.34 -39.30 -9.43
N PHE F 41 -18.83 -40.30 -8.69
CA PHE F 41 -19.04 -40.34 -7.25
C PHE F 41 -18.41 -39.11 -6.59
N ALA F 42 -17.22 -38.75 -7.03
CA ALA F 42 -16.56 -37.54 -6.55
C ALA F 42 -17.41 -36.30 -6.84
N GLU F 43 -17.93 -36.15 -8.06
CA GLU F 43 -18.82 -35.02 -8.35
C GLU F 43 -20.04 -35.01 -7.42
N SER F 44 -20.65 -36.19 -7.17
CA SER F 44 -21.79 -36.26 -6.24
C SER F 44 -21.38 -35.78 -4.81
N PHE F 45 -20.18 -36.16 -4.41
CA PHE F 45 -19.69 -35.83 -3.09
C PHE F 45 -19.46 -34.31 -2.99
N ALA F 46 -18.84 -33.74 -4.00
CA ALA F 46 -18.60 -32.29 -4.09
C ALA F 46 -19.90 -31.46 -4.08
N LYS F 47 -20.97 -31.99 -4.65
CA LYS F 47 -22.21 -31.26 -4.83
C LYS F 47 -22.87 -30.89 -3.51
N GLY F 48 -22.75 -31.76 -2.51
CA GLY F 48 -23.23 -31.47 -1.17
C GLY F 48 -22.35 -30.52 -0.38
N LEU F 49 -21.07 -30.45 -0.76
CA LEU F 49 -20.05 -29.68 -0.03
C LEU F 49 -19.82 -28.29 -0.63
N GLN F 50 -20.17 -28.15 -1.90
CA GLN F 50 -19.69 -27.08 -2.73
C GLN F 50 -20.03 -25.71 -2.16
N ALA F 51 -21.31 -25.50 -1.80
CA ALA F 51 -21.75 -24.19 -1.32
C ALA F 51 -21.06 -23.81 -0.01
N GLU F 52 -20.90 -24.79 0.87
CA GLU F 52 -20.14 -24.55 2.10
C GLU F 52 -18.64 -24.37 1.84
N HIS F 53 -18.10 -25.08 0.86
CA HIS F 53 -16.70 -24.95 0.52
C HIS F 53 -16.45 -23.50 -0.01
N GLU F 54 -17.30 -23.06 -0.91
CA GLU F 54 -17.26 -21.69 -1.42
C GLU F 54 -17.33 -20.66 -0.30
N LYS F 55 -18.27 -20.84 0.62
CA LYS F 55 -18.36 -19.92 1.75
C LYS F 55 -17.08 -19.91 2.57
N MET F 56 -16.52 -21.10 2.83
CA MET F 56 -15.25 -21.19 3.54
C MET F 56 -14.11 -20.48 2.81
N MET F 57 -13.97 -20.67 1.51
CA MET F 57 -12.91 -19.99 0.78
C MET F 57 -13.03 -18.47 0.92
N ARG F 58 -14.23 -17.91 0.80
CA ARG F 58 -14.43 -16.46 0.92
C ARG F 58 -14.12 -15.96 2.33
N ALA F 59 -14.60 -16.70 3.32
CA ALA F 59 -14.24 -16.38 4.70
C ALA F 59 -12.73 -16.43 4.87
N LEU F 60 -12.08 -17.47 4.37
CA LEU F 60 -10.62 -17.59 4.50
C LEU F 60 -9.86 -16.43 3.82
N MET F 61 -10.45 -15.78 2.82
CA MET F 61 -9.76 -14.66 2.16
C MET F 61 -9.53 -13.45 3.08
N LYS F 62 -10.19 -13.46 4.22
CA LYS F 62 -10.16 -12.39 5.17
C LYS F 62 -9.38 -12.76 6.43
N ASP F 63 -8.78 -13.95 6.44
CA ASP F 63 -8.04 -14.48 7.57
C ASP F 63 -6.53 -14.26 7.34
N PRO F 64 -5.81 -13.73 8.33
CA PRO F 64 -4.40 -13.39 8.06
C PRO F 64 -3.50 -14.60 7.78
N ASP F 65 -3.80 -15.78 8.32
CA ASP F 65 -3.02 -16.98 7.98
C ASP F 65 -3.20 -17.45 6.53
N TYR F 66 -4.45 -17.56 6.08
CA TYR F 66 -4.71 -17.84 4.68
C TYR F 66 -4.18 -16.71 3.77
N GLN F 67 -4.24 -15.46 4.18
CA GLN F 67 -3.68 -14.40 3.34
C GLN F 67 -2.14 -14.54 3.20
N ALA F 68 -1.47 -15.06 4.23
CA ALA F 68 -0.01 -15.23 4.17
C ALA F 68 0.28 -16.30 3.16
N LEU F 69 -0.52 -17.37 3.18
CA LEU F 69 -0.43 -18.43 2.21
C LEU F 69 -0.63 -17.93 0.76
N MET F 70 -1.71 -17.19 0.53
CA MET F 70 -2.01 -16.65 -0.79
C MET F 70 -0.91 -15.69 -1.25
N ILE F 71 -0.44 -14.83 -0.35
CA ILE F 71 0.61 -13.89 -0.73
C ILE F 71 1.84 -14.65 -1.20
N ASP F 72 2.26 -15.67 -0.46
CA ASP F 72 3.38 -16.48 -0.89
C ASP F 72 3.14 -17.10 -2.28
N ILE F 73 1.91 -17.59 -2.53
CA ILE F 73 1.56 -18.21 -3.78
C ILE F 73 1.54 -17.16 -4.90
N LEU F 74 1.10 -15.95 -4.59
CA LEU F 74 1.02 -14.90 -5.60
C LEU F 74 2.40 -14.40 -6.07
N LYS F 75 3.46 -14.78 -5.36
CA LYS F 75 4.83 -14.38 -5.70
C LYS F 75 5.54 -15.44 -6.56
N ASP F 76 4.77 -16.39 -7.10
CA ASP F 76 5.24 -17.33 -8.12
C ASP F 76 5.84 -16.56 -9.29
N PRO F 77 6.97 -17.04 -9.84
CA PRO F 77 7.53 -16.28 -10.96
C PRO F 77 6.60 -16.19 -12.17
N GLU F 78 5.70 -17.16 -12.35
CA GLU F 78 4.69 -17.03 -13.41
C GLU F 78 3.79 -15.82 -13.21
N MET F 79 3.50 -15.49 -11.95
CA MET F 79 2.72 -14.30 -11.65
C MET F 79 3.51 -13.03 -11.84
N GLU F 80 4.83 -13.08 -11.60
CA GLU F 80 5.67 -11.94 -11.93
C GLU F 80 5.50 -11.65 -13.41
N LYS F 81 5.58 -12.72 -14.21
CA LYS F 81 5.44 -12.61 -15.67
C LYS F 81 4.13 -11.95 -16.06
N ALA F 82 3.03 -12.40 -15.46
CA ALA F 82 1.70 -11.79 -15.66
C ALA F 82 1.69 -10.31 -15.31
N MET F 83 2.33 -9.96 -14.20
CA MET F 83 2.47 -8.56 -13.81
C MET F 83 3.23 -7.74 -14.84
N VAL F 84 4.37 -8.27 -15.27
CA VAL F 84 5.18 -7.59 -16.29
C VAL F 84 4.41 -7.30 -17.57
N ASP F 85 3.56 -8.23 -17.98
CA ASP F 85 2.78 -8.04 -19.20
C ASP F 85 1.69 -6.99 -19.04
N VAL F 86 1.08 -6.90 -17.86
CA VAL F 86 0.15 -5.80 -17.60
C VAL F 86 0.90 -4.47 -17.66
N LEU F 87 2.08 -4.44 -17.06
CA LEU F 87 2.91 -3.24 -16.99
C LEU F 87 3.40 -2.78 -18.36
N LYS F 88 3.50 -3.72 -19.30
CA LYS F 88 4.03 -3.47 -20.65
C LYS F 88 2.95 -3.06 -21.65
N SER F 89 1.68 -3.09 -21.25
CA SER F 89 0.60 -2.85 -22.18
C SER F 89 0.56 -1.39 -22.61
N LYS F 90 0.00 -1.13 -23.77
CA LYS F 90 -0.15 0.24 -24.27
C LYS F 90 -1.00 1.10 -23.35
N GLU F 91 -1.96 0.49 -22.67
CA GLU F 91 -2.81 1.24 -21.76
C GLU F 91 -2.03 1.71 -20.53
N PHE F 92 -1.16 0.87 -19.99
CA PHE F 92 -0.40 1.25 -18.82
C PHE F 92 0.79 2.14 -19.16
N ARG F 93 1.20 2.14 -20.43
CA ARG F 93 2.28 3.00 -20.87
C ARG F 93 2.09 4.47 -20.50
N GLN F 94 0.85 4.96 -20.56
CA GLN F 94 0.57 6.36 -20.24
C GLN F 94 0.98 6.69 -18.83
N HIS F 95 0.78 5.75 -17.91
CA HIS F 95 1.08 6.02 -16.52
C HIS F 95 2.60 6.06 -16.35
N LEU F 96 3.30 5.22 -17.11
CA LEU F 96 4.77 5.21 -17.09
C LEU F 96 5.35 6.47 -17.67
N GLN F 97 4.73 6.95 -18.74
CA GLN F 97 5.14 8.16 -19.41
C GLN F 97 5.01 9.37 -18.48
N LYS F 98 3.95 9.36 -17.67
CA LYS F 98 3.68 10.49 -16.78
C LYS F 98 4.72 10.62 -15.65
N VAL F 99 4.99 9.54 -14.91
CA VAL F 99 6.06 9.55 -13.89
C VAL F 99 7.44 9.86 -14.48
N ILE F 100 7.71 9.40 -15.70
CA ILE F 100 8.97 9.73 -16.41
C ILE F 100 9.06 11.24 -16.65
N THR F 101 7.97 11.86 -17.14
N THR F 101 7.96 11.83 -17.13
CA THR F 101 7.96 13.33 -17.38
CA THR F 101 7.90 13.29 -17.38
C THR F 101 8.05 14.14 -16.08
C THR F 101 8.06 14.10 -16.08
N GLU F 102 7.36 13.68 -15.04
CA GLU F 102 7.52 14.27 -13.69
C GLU F 102 8.95 14.12 -13.17
N THR F 103 9.59 13.00 -13.44
CA THR F 103 11.00 12.83 -13.06
C THR F 103 11.91 13.85 -13.79
N LEU F 104 11.74 13.94 -15.10
CA LEU F 104 12.48 14.89 -15.93
C LEU F 104 12.22 16.36 -15.67
N ASN F 105 11.00 16.70 -15.24
CA ASN F 105 10.64 18.10 -15.00
C ASN F 105 11.02 18.69 -13.63
N SER F 106 11.47 17.84 -12.72
CA SER F 106 11.95 18.28 -11.44
C SER F 106 13.12 19.24 -11.61
N PRO F 107 13.07 20.40 -10.98
CA PRO F 107 14.24 21.29 -11.03
C PRO F 107 15.47 20.66 -10.41
N LEU F 108 15.32 19.86 -9.35
CA LEU F 108 16.48 19.24 -8.66
C LEU F 108 17.08 18.13 -9.50
N TYR F 109 16.27 17.36 -10.20
CA TYR F 109 16.84 16.37 -11.11
C TYR F 109 17.50 17.01 -12.31
N GLN F 110 16.88 18.07 -12.84
CA GLN F 110 17.47 18.86 -13.94
C GLN F 110 18.85 19.39 -13.60
N ALA F 111 19.07 19.76 -12.36
CA ALA F 111 20.40 20.22 -11.95
C ALA F 111 21.43 19.10 -12.09
N LYS F 112 21.02 17.86 -11.75
CA LYS F 112 21.90 16.69 -11.87
C LYS F 112 22.26 16.44 -13.32
N ILE F 113 21.28 16.49 -14.21
CA ILE F 113 21.52 16.43 -15.64
C ILE F 113 22.40 17.60 -16.07
N GLN F 114 22.12 18.79 -15.54
CA GLN F 114 22.93 19.97 -15.85
C GLN F 114 24.40 19.72 -15.48
N ASP F 115 24.66 19.11 -14.32
CA ASP F 115 26.06 18.80 -13.95
C ASP F 115 26.70 17.86 -14.98
N MET F 116 25.93 16.92 -15.50
CA MET F 116 26.44 16.02 -16.53
C MET F 116 26.69 16.74 -17.86
N LEU F 117 25.78 17.62 -18.26
CA LEU F 117 25.94 18.39 -19.49
C LEU F 117 27.12 19.37 -19.43
N MET F 118 27.41 19.87 -18.24
CA MET F 118 28.54 20.78 -18.01
C MET F 118 29.85 20.03 -18.08
N LYS F 119 29.89 18.80 -17.57
CA LYS F 119 31.09 17.96 -17.70
C LYS F 119 31.41 17.67 -19.16
N ALA F 120 30.38 17.32 -19.93
CA ALA F 120 30.55 17.00 -21.36
C ALA F 120 30.94 18.24 -22.17
N ALA F 121 30.47 19.41 -21.75
CA ALA F 121 30.84 20.66 -22.41
C ALA F 121 32.27 21.10 -22.06
N GLU F 122 32.71 20.87 -20.82
CA GLU F 122 33.92 21.49 -20.28
C GLU F 122 35.19 20.71 -20.57
N LYS F 123 35.23 19.46 -20.13
CA LYS F 123 36.40 18.61 -20.34
C LYS F 123 36.55 18.18 -21.79
N VAL F 124 35.44 17.75 -22.40
CA VAL F 124 35.45 17.22 -23.77
C VAL F 124 35.67 18.29 -24.85
N GLN F 125 34.57 18.89 -25.32
CA GLN F 125 34.64 19.81 -26.46
C GLN F 125 35.22 21.17 -26.07
#